data_8IQA
#
_entry.id   8IQA
#
_cell.length_a   49.22
_cell.length_b   135.045
_cell.length_c   138.04
_cell.angle_alpha   90
_cell.angle_beta   90
_cell.angle_gamma   90
#
_symmetry.space_group_name_H-M   'P 21 21 21'
#
loop_
_entity.id
_entity.type
_entity.pdbx_description
1 polymer Aldolase
2 non-polymer 'NICKEL (II) ION'
3 water water
#
_entity_poly.entity_id   1
_entity_poly.type   'polypeptide(L)'
_entity_poly.pdbx_seq_one_letter_code
;MATHLQQVQRDTRETMAFACRILAMTEQEAGLAGQISVRSERPGAYWTLRFGLGFDEATPEDFIEVDRDLNTLSGEGMAN
PATRFHLWVYEARPDVNSIIHTHSPWATVLATARQPLVISQMDMTPLHNDCAFLGEWPGVPIADQEGVIISKALGDKRAI
ILAHHGYLTAGKSCQEATYLSVYLERAARLQVRAQAAFGPLTPVDDTLAAEAHDYLLKPSIVNATFDYWSRQTQGIAPLT
KTR
;
_entity_poly.pdbx_strand_id   A,B,C,D
#
loop_
_chem_comp.id
_chem_comp.type
_chem_comp.name
_chem_comp.formula
NI non-polymer 'NICKEL (II) ION' 'Ni 2'
#
# COMPACT_ATOMS: atom_id res chain seq x y z
N ASP A 11 7.79 3.56 34.02
CA ASP A 11 7.14 4.45 33.08
C ASP A 11 8.02 4.64 31.84
N THR A 12 9.36 4.76 32.00
CA THR A 12 10.23 4.91 30.83
C THR A 12 10.12 3.68 29.90
N ARG A 13 10.16 2.45 30.49
CA ARG A 13 10.09 1.26 29.64
C ARG A 13 8.73 1.11 28.96
N GLU A 14 7.65 1.54 29.63
CA GLU A 14 6.32 1.48 29.01
C GLU A 14 6.22 2.48 27.88
N THR A 15 6.78 3.69 28.07
CA THR A 15 6.76 4.70 27.01
C THR A 15 7.56 4.20 25.80
N MET A 16 8.73 3.59 26.06
CA MET A 16 9.55 3.06 24.94
C MET A 16 8.84 1.91 24.22
N ALA A 17 8.10 1.08 24.95
CA ALA A 17 7.34 -0.03 24.32
C ALA A 17 6.29 0.54 23.39
N PHE A 18 5.54 1.57 23.85
CA PHE A 18 4.55 2.22 22.96
C PHE A 18 5.21 2.88 21.78
N ALA A 19 6.36 3.58 21.98
CA ALA A 19 7.06 4.23 20.86
C ALA A 19 7.45 3.19 19.79
N CYS A 20 7.94 2.02 20.24
CA CYS A 20 8.27 0.94 19.31
C CYS A 20 7.06 0.44 18.53
N ARG A 21 5.96 0.18 19.24
CA ARG A 21 4.73 -0.27 18.55
C ARG A 21 4.22 0.77 17.56
N ILE A 22 4.36 2.06 17.89
CA ILE A 22 3.88 3.12 17.02
C ILE A 22 4.74 3.17 15.78
N LEU A 23 6.09 3.11 15.94
CA LEU A 23 6.98 3.08 14.77
C LEU A 23 6.66 1.89 13.84
N ALA A 24 6.40 0.70 14.41
CA ALA A 24 6.06 -0.46 13.59
C ALA A 24 4.70 -0.24 12.89
N MET A 25 3.71 0.30 13.61
CA MET A 25 2.38 0.51 13.04
C MET A 25 2.43 1.52 11.87
N THR A 26 3.21 2.57 12.04
CA THR A 26 3.28 3.62 11.04
C THR A 26 4.30 3.27 9.94
N GLU A 27 4.63 1.95 9.81
CA GLU A 27 5.39 1.26 8.77
C GLU A 27 6.82 1.73 8.60
N GLN A 28 7.72 1.32 9.53
CA GLN A 28 9.12 1.71 9.46
C GLN A 28 10.17 0.57 9.42
N GLU A 29 9.75 -0.75 9.40
CA GLU A 29 10.65 -1.94 9.50
C GLU A 29 11.63 -2.25 8.34
N ALA A 30 12.93 -2.39 8.65
CA ALA A 30 13.96 -2.79 7.68
C ALA A 30 14.84 -3.92 8.25
N LEU A 32 15.80 -5.70 11.58
CA LEU A 32 16.53 -5.44 12.84
C LEU A 32 17.42 -4.21 12.75
N ALA A 33 17.21 -3.34 11.77
CA ALA A 33 18.00 -2.11 11.64
C ALA A 33 17.54 -1.03 12.65
N GLY A 34 16.31 -1.13 13.17
CA GLY A 34 15.76 -0.12 14.07
C GLY A 34 16.44 0.01 15.41
N GLN A 35 16.61 1.26 15.86
CA GLN A 35 17.25 1.52 17.16
C GLN A 35 16.41 2.58 17.89
N ILE A 36 16.36 2.43 19.22
CA ILE A 36 15.71 3.42 20.06
C ILE A 36 16.43 3.48 21.38
N SER A 37 16.57 4.68 21.89
CA SER A 37 17.16 4.82 23.23
C SER A 37 16.54 5.98 23.96
N VAL A 38 16.70 5.95 25.28
CA VAL A 38 16.30 7.03 26.19
C VAL A 38 17.44 7.23 27.15
N ARG A 39 17.86 8.47 27.33
CA ARG A 39 18.94 8.80 28.28
C ARG A 39 18.54 8.35 29.68
N SER A 40 19.44 7.61 30.37
CA SER A 40 19.14 7.16 31.72
C SER A 40 19.28 8.31 32.74
N GLU A 41 18.61 8.19 33.87
CA GLU A 41 18.83 9.12 34.98
C GLU A 41 20.27 8.92 35.53
N ARG A 42 20.88 7.72 35.31
CA ARG A 42 22.22 7.39 35.74
C ARG A 42 23.19 7.93 34.68
N PRO A 43 24.17 8.75 35.08
CA PRO A 43 25.14 9.28 34.11
C PRO A 43 25.89 8.19 33.32
N GLY A 44 26.13 8.48 32.04
CA GLY A 44 26.84 7.58 31.14
C GLY A 44 26.05 6.34 30.72
N ALA A 45 24.74 6.32 30.98
CA ALA A 45 23.94 5.13 30.66
C ALA A 45 22.73 5.49 29.80
N TYR A 46 22.17 4.50 29.12
CA TYR A 46 20.97 4.72 28.30
C TYR A 46 20.12 3.47 28.30
N TRP A 47 18.81 3.64 28.12
CA TRP A 47 17.86 2.53 28.00
C TRP A 47 17.68 2.24 26.53
N THR A 48 17.57 0.97 26.15
CA THR A 48 17.44 0.62 24.74
C THR A 48 16.79 -0.73 24.54
N LEU A 49 16.28 -0.97 23.33
CA LEU A 49 15.65 -2.24 23.04
C LEU A 49 16.73 -3.31 22.90
N ARG A 50 16.56 -4.43 23.60
CA ARG A 50 17.56 -5.49 23.52
C ARG A 50 17.73 -6.04 22.10
N PHE A 51 18.94 -6.58 21.84
CA PHE A 51 19.33 -7.11 20.55
C PHE A 51 18.43 -8.25 20.10
N GLY A 52 18.13 -8.30 18.81
CA GLY A 52 17.39 -9.40 18.20
C GLY A 52 15.89 -9.24 18.09
N LEU A 53 15.35 -8.18 18.72
CA LEU A 53 13.90 -7.95 18.67
C LEU A 53 13.56 -6.80 17.76
N GLY A 54 12.43 -6.91 17.09
CA GLY A 54 11.94 -5.80 16.26
C GLY A 54 11.05 -4.88 17.08
N PHE A 55 10.81 -3.68 16.57
CA PHE A 55 9.96 -2.70 17.26
C PHE A 55 8.54 -3.25 17.48
N ASP A 56 8.04 -4.03 16.53
CA ASP A 56 6.68 -4.57 16.62
C ASP A 56 6.49 -5.58 17.74
N GLU A 57 7.55 -6.15 18.29
CA GLU A 57 7.37 -7.11 19.40
C GLU A 57 7.80 -6.54 20.76
N ALA A 58 8.29 -5.29 20.82
CA ALA A 58 8.80 -4.74 22.06
C ALA A 58 7.76 -4.69 23.17
N THR A 59 8.15 -5.17 24.37
CA THR A 59 7.33 -5.04 25.57
C THR A 59 8.20 -4.28 26.60
N PRO A 60 7.63 -3.78 27.71
CA PRO A 60 8.44 -3.01 28.67
C PRO A 60 9.65 -3.79 29.19
N GLU A 61 9.51 -5.12 29.37
CA GLU A 61 10.62 -5.96 29.89
C GLU A 61 11.77 -6.14 28.89
N ASP A 62 11.57 -5.74 27.62
CA ASP A 62 12.62 -5.85 26.60
C ASP A 62 13.58 -4.67 26.57
N PHE A 63 13.37 -3.65 27.44
CA PHE A 63 14.22 -2.47 27.44
C PHE A 63 15.20 -2.67 28.56
N ILE A 64 16.45 -2.50 28.25
CA ILE A 64 17.53 -2.67 29.22
C ILE A 64 18.30 -1.40 29.36
N GLU A 65 18.99 -1.24 30.47
CA GLU A 65 19.82 -0.05 30.71
C GLU A 65 21.25 -0.47 30.51
N VAL A 66 22.00 0.26 29.70
CA VAL A 66 23.37 -0.14 29.38
C VAL A 66 24.36 1.00 29.59
N ASP A 67 25.65 0.68 29.79
CA ASP A 67 26.66 1.73 30.01
C ASP A 67 27.45 2.01 28.73
N ARG A 68 28.52 2.84 28.83
CA ARG A 68 29.34 3.17 27.65
C ARG A 68 30.03 1.97 27.02
N ASP A 69 30.28 0.91 27.80
CA ASP A 69 30.93 -0.28 27.26
C ASP A 69 29.91 -1.35 26.79
N LEU A 70 28.61 -1.02 26.76
CA LEU A 70 27.55 -1.94 26.36
C LEU A 70 27.31 -3.04 27.40
N ASN A 71 27.68 -2.80 28.67
CA ASN A 71 27.37 -3.77 29.72
C ASN A 71 25.94 -3.51 30.16
N THR A 72 25.15 -4.57 30.33
CA THR A 72 23.78 -4.41 30.83
C THR A 72 23.78 -4.14 32.34
N LEU A 73 23.28 -2.95 32.71
CA LEU A 73 23.20 -2.51 34.09
C LEU A 73 21.88 -2.96 34.70
N SER A 74 20.78 -2.90 33.93
CA SER A 74 19.45 -3.26 34.45
CA SER A 74 19.47 -3.28 34.44
C SER A 74 18.66 -3.97 33.37
N GLY A 75 17.91 -5.01 33.77
CA GLY A 75 17.12 -5.78 32.84
C GLY A 75 17.81 -7.03 32.34
N GLU A 76 17.10 -7.81 31.51
CA GLU A 76 17.68 -9.02 30.96
C GLU A 76 17.92 -8.84 29.46
N GLY A 77 19.14 -9.07 29.02
CA GLY A 77 19.47 -8.99 27.60
C GLY A 77 20.74 -8.27 27.28
N MET A 78 21.12 -8.31 26.01
CA MET A 78 22.32 -7.65 25.51
C MET A 78 21.89 -6.50 24.60
N ALA A 79 22.65 -5.41 24.61
CA ALA A 79 22.32 -4.27 23.77
C ALA A 79 22.71 -4.56 22.33
N ASN A 80 22.05 -3.87 21.39
CA ASN A 80 22.42 -3.91 20.01
C ASN A 80 23.68 -3.04 19.94
N PRO A 81 24.86 -3.63 19.63
CA PRO A 81 26.09 -2.83 19.65
C PRO A 81 26.09 -1.62 18.72
N ALA A 82 25.22 -1.61 17.71
CA ALA A 82 25.10 -0.49 16.81
C ALA A 82 24.48 0.74 17.49
N THR A 83 23.94 0.62 18.74
CA THR A 83 23.39 1.78 19.46
C THR A 83 24.42 2.54 20.27
N ARG A 84 25.65 2.00 20.37
CA ARG A 84 26.69 2.62 21.16
C ARG A 84 26.93 4.09 20.76
N PHE A 85 26.79 4.40 19.47
CA PHE A 85 27.02 5.78 19.00
C PHE A 85 26.04 6.78 19.60
N HIS A 86 24.83 6.34 20.08
CA HIS A 86 23.86 7.24 20.69
C HIS A 86 24.48 8.03 21.85
N LEU A 87 25.48 7.44 22.55
CA LEU A 87 26.15 8.13 23.64
C LEU A 87 26.81 9.43 23.21
N TRP A 88 27.38 9.46 21.99
CA TRP A 88 28.06 10.66 21.49
C TRP A 88 27.02 11.76 21.24
N VAL A 89 25.80 11.38 20.77
CA VAL A 89 24.72 12.36 20.56
C VAL A 89 24.25 12.89 21.91
N TYR A 90 24.06 11.98 22.90
CA TYR A 90 23.64 12.44 24.25
C TYR A 90 24.70 13.37 24.87
N GLU A 91 25.98 13.07 24.64
CA GLU A 91 27.07 13.88 25.21
C GLU A 91 27.06 15.27 24.55
N ALA A 92 26.85 15.32 23.22
CA ALA A 92 26.84 16.60 22.50
C ALA A 92 25.58 17.44 22.75
N ARG A 93 24.48 16.79 23.10
CA ARG A 93 23.18 17.43 23.20
C ARG A 93 22.49 17.18 24.52
N PRO A 94 22.81 17.98 25.55
CA PRO A 94 22.16 17.80 26.86
C PRO A 94 20.65 17.91 26.81
N ASP A 95 20.12 18.62 25.79
CA ASP A 95 18.66 18.79 25.62
C ASP A 95 17.96 17.52 25.11
N VAL A 96 18.74 16.60 24.49
CA VAL A 96 18.17 15.37 23.90
C VAL A 96 18.08 14.26 24.96
N ASN A 97 16.88 13.64 25.09
CA ASN A 97 16.70 12.52 26.00
C ASN A 97 16.22 11.24 25.31
N SER A 98 15.95 11.29 24.01
CA SER A 98 15.54 10.07 23.29
C SER A 98 15.96 10.17 21.85
N ILE A 99 16.48 9.06 21.31
CA ILE A 99 16.97 8.99 19.93
C ILE A 99 16.36 7.80 19.23
N ILE A 100 15.92 8.01 17.99
CA ILE A 100 15.38 6.91 17.15
C ILE A 100 16.12 6.90 15.85
N HIS A 101 16.55 5.71 15.39
CA HIS A 101 17.19 5.59 14.09
C HIS A 101 16.53 4.40 13.40
N THR A 102 16.02 4.58 12.20
CA THR A 102 15.48 3.49 11.39
C THR A 102 15.87 3.75 9.89
N HIS A 103 15.63 2.76 9.05
CA HIS A 103 15.80 2.90 7.60
C HIS A 103 14.35 2.76 7.06
N SER A 104 13.47 3.67 7.46
CA SER A 104 12.05 3.61 7.09
C SER A 104 11.89 3.80 5.59
N PRO A 105 10.82 3.23 5.00
CA PRO A 105 10.74 3.19 3.53
C PRO A 105 10.89 4.50 2.78
N TRP A 106 10.11 5.55 3.16
CA TRP A 106 10.12 6.78 2.39
C TRP A 106 11.25 7.72 2.75
N ALA A 107 11.58 7.85 4.05
CA ALA A 107 12.73 8.70 4.43
C ALA A 107 14.03 8.14 3.79
N THR A 108 14.10 6.81 3.65
CA THR A 108 15.28 6.20 3.05
C THR A 108 15.34 6.48 1.54
N VAL A 109 14.20 6.75 0.87
CA VAL A 109 14.22 7.18 -0.54
C VAL A 109 14.98 8.50 -0.64
N LEU A 110 14.67 9.46 0.26
CA LEU A 110 15.38 10.74 0.25
C LEU A 110 16.88 10.53 0.51
N ALA A 111 17.19 9.67 1.49
CA ALA A 111 18.58 9.42 1.87
C ALA A 111 19.34 8.80 0.71
N THR A 112 18.70 7.87 0.00
CA THR A 112 19.32 7.13 -1.09
C THR A 112 19.57 8.04 -2.27
N ALA A 113 18.60 8.93 -2.57
CA ALA A 113 18.76 9.85 -3.67
C ALA A 113 19.54 11.10 -3.29
N ARG A 114 20.03 11.22 -2.03
CA ARG A 114 20.77 12.40 -1.58
C ARG A 114 19.92 13.65 -1.72
N GLN A 115 18.63 13.54 -1.37
CA GLN A 115 17.70 14.66 -1.50
C GLN A 115 17.22 15.17 -0.20
N PRO A 116 17.52 16.43 0.12
CA PRO A 116 17.02 17.00 1.38
C PRO A 116 15.52 17.24 1.34
N LEU A 117 14.90 17.30 2.52
CA LEU A 117 13.47 17.62 2.63
C LEU A 117 13.23 19.04 2.17
N VAL A 118 12.10 19.29 1.49
CA VAL A 118 11.70 20.61 1.04
C VAL A 118 10.36 20.86 1.72
N ILE A 119 10.31 21.87 2.57
CA ILE A 119 9.11 22.12 3.38
C ILE A 119 8.04 22.78 2.55
N SER A 120 7.04 22.02 2.14
CA SER A 120 6.00 22.51 1.24
C SER A 120 4.57 22.21 1.73
N GLN A 121 4.41 21.72 2.98
CA GLN A 121 3.08 21.41 3.50
C GLN A 121 3.08 21.53 5.03
N MET A 122 1.91 21.86 5.62
CA MET A 122 1.75 22.06 7.07
C MET A 122 2.44 20.99 7.94
N ASP A 123 2.21 19.69 7.69
CA ASP A 123 2.76 18.63 8.52
C ASP A 123 4.25 18.39 8.31
N MET A 124 4.86 19.03 7.29
CA MET A 124 6.32 18.93 7.11
C MET A 124 7.04 19.95 8.01
N THR A 125 6.33 20.99 8.52
CA THR A 125 6.92 22.09 9.26
C THR A 125 7.59 21.70 10.58
N PRO A 126 7.26 20.61 11.32
CA PRO A 126 8.08 20.28 12.50
C PRO A 126 9.57 20.04 12.13
N LEU A 127 9.87 19.77 10.83
CA LEU A 127 11.26 19.61 10.36
C LEU A 127 11.85 20.87 9.72
N HIS A 128 11.08 21.99 9.63
CA HIS A 128 11.56 23.22 9.02
C HIS A 128 12.74 23.78 9.85
N ASN A 129 13.87 24.02 9.20
CA ASN A 129 15.13 24.46 9.83
C ASN A 129 15.50 23.50 11.00
N ASP A 130 15.06 22.24 10.91
CA ASP A 130 15.26 21.28 11.99
C ASP A 130 15.63 19.90 11.48
N CYS A 131 16.13 19.81 10.25
CA CYS A 131 16.55 18.53 9.68
C CYS A 131 17.89 18.70 8.99
N ALA A 132 18.94 18.16 9.59
CA ALA A 132 20.26 18.18 9.01
C ALA A 132 20.36 17.14 7.86
N PHE A 133 21.44 17.17 7.06
CA PHE A 133 21.63 16.20 6.00
C PHE A 133 23.09 15.83 5.99
N LEU A 134 23.42 14.55 6.27
CA LEU A 134 24.80 14.09 6.21
C LEU A 134 25.02 13.53 4.82
N GLY A 135 25.88 14.18 4.04
CA GLY A 135 26.11 13.77 2.66
C GLY A 135 27.06 12.59 2.49
N GLU A 136 27.91 12.36 3.48
CA GLU A 136 28.89 11.29 3.40
C GLU A 136 28.38 10.01 4.03
N TRP A 137 28.60 8.88 3.34
CA TRP A 137 28.24 7.58 3.89
C TRP A 137 29.56 6.91 4.25
N PRO A 138 29.83 6.71 5.54
CA PRO A 138 31.13 6.13 5.93
C PRO A 138 31.18 4.60 5.93
N GLY A 139 30.15 3.93 5.43
CA GLY A 139 30.14 2.47 5.40
C GLY A 139 29.69 1.86 6.71
N ALA A 143 31.63 2.71 16.09
CA ALA A 143 30.76 3.50 17.00
C ALA A 143 31.40 4.82 17.36
N ASP A 144 32.74 4.84 17.52
CA ASP A 144 33.42 6.08 17.88
C ASP A 144 33.39 7.02 16.69
N GLN A 145 33.72 6.51 15.50
CA GLN A 145 33.69 7.32 14.28
C GLN A 145 32.25 7.70 13.91
N GLU A 146 31.31 6.74 14.00
CA GLU A 146 29.93 7.01 13.65
C GLU A 146 29.33 8.08 14.56
N GLY A 147 29.60 8.00 15.85
CA GLY A 147 29.07 8.97 16.82
C GLY A 147 29.58 10.39 16.63
N VAL A 148 30.88 10.55 16.36
CA VAL A 148 31.45 11.88 16.14
C VAL A 148 30.88 12.44 14.83
N ILE A 149 30.86 11.64 13.77
CA ILE A 149 30.33 12.07 12.47
C ILE A 149 28.87 12.50 12.58
N ILE A 150 28.03 11.67 13.19
CA ILE A 150 26.60 11.98 13.30
C ILE A 150 26.32 13.15 14.26
N SER A 151 27.00 13.20 15.42
CA SER A 151 26.79 14.35 16.35
C SER A 151 27.18 15.66 15.70
N LYS A 152 28.30 15.68 14.97
CA LYS A 152 28.74 16.91 14.34
C LYS A 152 27.76 17.35 13.25
N ALA A 153 27.31 16.40 12.42
CA ALA A 153 26.40 16.76 11.32
C ALA A 153 25.01 17.16 11.85
N LEU A 154 24.54 16.52 12.93
CA LEU A 154 23.23 16.82 13.51
C LEU A 154 23.19 18.27 14.05
N GLY A 155 24.30 18.75 14.67
CA GLY A 155 24.33 20.08 15.23
C GLY A 155 23.23 20.24 16.29
N ASP A 156 22.47 21.33 16.22
CA ASP A 156 21.38 21.56 17.15
C ASP A 156 20.02 21.11 16.64
N LYS A 157 19.96 20.35 15.53
CA LYS A 157 18.70 19.96 14.91
C LYS A 157 17.96 18.81 15.59
N ARG A 158 16.64 18.68 15.27
CA ARG A 158 15.82 17.59 15.79
C ARG A 158 15.93 16.32 14.98
N ALA A 159 16.43 16.40 13.75
CA ALA A 159 16.50 15.22 12.88
C ALA A 159 17.65 15.32 11.91
N ILE A 160 18.05 14.18 11.31
CA ILE A 160 19.07 14.19 10.30
C ILE A 160 18.78 13.07 9.30
N ILE A 161 18.92 13.39 8.02
CA ILE A 161 18.82 12.39 6.98
C ILE A 161 20.25 11.96 6.69
N LEU A 162 20.51 10.65 6.75
CA LEU A 162 21.86 10.11 6.59
C LEU A 162 21.96 9.56 5.18
N ALA A 163 22.71 10.23 4.31
CA ALA A 163 22.80 9.77 2.89
C ALA A 163 23.17 8.28 2.75
N HIS A 164 22.47 7.59 1.84
CA HIS A 164 22.68 6.17 1.54
C HIS A 164 22.41 5.28 2.75
N HIS A 165 21.59 5.75 3.71
CA HIS A 165 21.41 4.99 4.95
C HIS A 165 20.00 5.04 5.51
N GLY A 166 19.58 6.17 6.08
CA GLY A 166 18.26 6.25 6.71
C GLY A 166 18.13 7.59 7.40
N TYR A 167 17.58 7.58 8.62
CA TYR A 167 17.45 8.89 9.33
C TYR A 167 17.64 8.69 10.85
N LEU A 168 17.77 9.79 11.57
CA LEU A 168 17.81 9.73 13.02
C LEU A 168 17.01 10.93 13.54
N THR A 169 16.22 10.72 14.59
CA THR A 169 15.55 11.84 15.25
C THR A 169 16.07 11.93 16.69
N ALA A 170 16.04 13.15 17.24
CA ALA A 170 16.60 13.40 18.58
C ALA A 170 15.64 14.32 19.28
N GLY A 171 14.92 13.78 20.26
CA GLY A 171 13.89 14.56 20.93
C GLY A 171 14.18 14.84 22.39
N LYS A 172 13.46 15.83 22.95
CA LYS A 172 13.58 16.12 24.39
C LYS A 172 12.93 15.02 25.25
N SER A 173 12.04 14.23 24.63
CA SER A 173 11.39 13.10 25.28
C SER A 173 11.26 11.97 24.22
N CYS A 174 10.91 10.77 24.68
CA CYS A 174 10.64 9.66 23.77
C CYS A 174 9.41 10.01 22.91
N GLN A 175 8.40 10.72 23.50
CA GLN A 175 7.21 11.12 22.74
C GLN A 175 7.62 12.04 21.59
N GLU A 176 8.53 12.99 21.85
CA GLU A 176 8.92 13.93 20.78
C GLU A 176 9.77 13.22 19.72
N ALA A 177 10.70 12.34 20.13
CA ALA A 177 11.50 11.59 19.12
C ALA A 177 10.54 10.75 18.22
N THR A 178 9.52 10.14 18.81
CA THR A 178 8.55 9.32 18.05
C THR A 178 7.74 10.19 17.10
N TYR A 179 7.23 11.33 17.59
CA TYR A 179 6.44 12.27 16.79
C TYR A 179 7.31 12.75 15.60
N LEU A 180 8.56 13.12 15.84
CA LEU A 180 9.46 13.58 14.75
C LEU A 180 9.68 12.46 13.74
N SER A 181 9.83 11.21 14.23
CA SER A 181 10.03 10.06 13.33
CA SER A 181 10.03 10.07 13.33
C SER A 181 8.86 9.87 12.39
N VAL A 182 7.63 9.84 12.95
CA VAL A 182 6.44 9.64 12.13
C VAL A 182 6.23 10.80 11.17
N TYR A 183 6.38 12.02 11.66
CA TYR A 183 6.18 13.20 10.79
C TYR A 183 7.25 13.24 9.70
N LEU A 184 8.51 12.89 10.01
CA LEU A 184 9.55 12.91 8.97
C LEU A 184 9.24 11.85 7.89
N GLU A 185 8.85 10.65 8.32
CA GLU A 185 8.55 9.57 7.34
C GLU A 185 7.36 9.96 6.42
N ARG A 186 6.30 10.58 7.01
CA ARG A 186 5.16 11.00 6.22
C ARG A 186 5.47 12.19 5.32
N ALA A 187 6.35 13.09 5.79
CA ALA A 187 6.80 14.23 5.00
C ALA A 187 7.63 13.72 3.81
N ALA A 188 8.50 12.73 4.03
CA ALA A 188 9.33 12.16 2.95
C ALA A 188 8.40 11.47 1.92
N ARG A 189 7.38 10.73 2.39
CA ARG A 189 6.41 10.07 1.49
C ARG A 189 5.70 11.08 0.61
N LEU A 190 5.23 12.19 1.24
CA LEU A 190 4.52 13.23 0.51
C LEU A 190 5.45 13.85 -0.55
N GLN A 191 6.69 14.18 -0.17
CA GLN A 191 7.62 14.79 -1.12
C GLN A 191 7.99 13.87 -2.28
N VAL A 192 8.24 12.60 -2.00
CA VAL A 192 8.63 11.65 -3.03
C VAL A 192 7.47 11.44 -4.04
N ARG A 193 6.23 11.27 -3.51
CA ARG A 193 5.06 11.09 -4.37
C ARG A 193 4.82 12.36 -5.21
N ALA A 194 4.96 13.54 -4.59
CA ALA A 194 4.75 14.79 -5.32
C ALA A 194 5.81 15.03 -6.39
N GLN A 195 7.09 14.79 -6.09
CA GLN A 195 8.15 15.00 -7.09
C GLN A 195 8.06 14.00 -8.23
N ALA A 196 7.67 12.74 -7.95
CA ALA A 196 7.52 11.74 -9.02
C ALA A 196 6.48 12.17 -10.05
N ALA A 197 5.39 12.77 -9.58
CA ALA A 197 4.32 13.20 -10.50
C ALA A 197 4.57 14.58 -11.10
N PHE A 198 5.10 15.52 -10.30
CA PHE A 198 5.13 16.94 -10.70
C PHE A 198 6.49 17.66 -10.69
N GLY A 199 7.55 16.98 -10.30
CA GLY A 199 8.89 17.58 -10.24
C GLY A 199 9.15 18.35 -8.95
N PRO A 200 10.27 19.09 -8.90
CA PRO A 200 10.62 19.82 -7.67
C PRO A 200 9.53 20.73 -7.13
N LEU A 201 9.41 20.77 -5.81
CA LEU A 201 8.36 21.52 -5.13
C LEU A 201 8.76 22.93 -4.79
N THR A 202 7.76 23.80 -4.66
CA THR A 202 7.96 25.16 -4.22
C THR A 202 7.83 25.12 -2.69
N PRO A 203 8.85 25.62 -1.96
CA PRO A 203 8.73 25.63 -0.50
C PRO A 203 7.77 26.71 -0.01
N VAL A 204 7.20 26.51 1.18
CA VAL A 204 6.31 27.54 1.75
C VAL A 204 7.19 28.67 2.36
N ASP A 205 6.54 29.82 2.68
CA ASP A 205 7.17 30.97 3.28
C ASP A 205 7.87 30.54 4.61
N ASP A 206 9.14 30.94 4.81
CA ASP A 206 9.90 30.56 6.00
C ASP A 206 9.30 31.05 7.31
N THR A 207 8.77 32.31 7.34
CA THR A 207 8.18 32.83 8.56
C THR A 207 6.95 32.04 8.96
N LEU A 208 6.05 31.76 7.99
CA LEU A 208 4.85 30.97 8.29
C LEU A 208 5.23 29.52 8.64
N ALA A 209 6.26 28.96 7.97
CA ALA A 209 6.71 27.59 8.29
C ALA A 209 7.24 27.53 9.72
N ALA A 210 7.99 28.55 10.17
CA ALA A 210 8.52 28.54 11.55
C ALA A 210 7.39 28.62 12.56
N GLU A 211 6.32 29.40 12.24
CA GLU A 211 5.18 29.50 13.18
C GLU A 211 4.45 28.14 13.26
N ALA A 212 4.26 27.48 12.11
CA ALA A 212 3.59 26.19 12.09
C ALA A 212 4.47 25.13 12.80
N HIS A 213 5.77 25.20 12.63
CA HIS A 213 6.75 24.32 13.33
C HIS A 213 6.55 24.42 14.85
N ASP A 214 6.52 25.65 15.36
CA ASP A 214 6.38 25.88 16.80
C ASP A 214 5.00 25.42 17.29
N TYR A 215 3.97 25.65 16.48
CA TYR A 215 2.61 25.23 16.83
C TYR A 215 2.55 23.71 16.95
N LEU A 216 3.04 22.99 15.92
CA LEU A 216 2.93 21.53 15.92
C LEU A 216 3.83 20.84 16.93
N LEU A 217 4.88 21.53 17.42
CA LEU A 217 5.79 20.94 18.38
C LEU A 217 5.45 21.31 19.84
N LYS A 218 4.28 21.96 20.08
CA LYS A 218 3.84 22.22 21.44
C LYS A 218 3.64 20.89 22.17
N PRO A 219 4.09 20.81 23.44
CA PRO A 219 3.94 19.55 24.19
C PRO A 219 2.51 19.01 24.22
N SER A 220 1.49 19.88 24.30
CA SER A 220 0.11 19.38 24.35
C SER A 220 -0.23 18.59 23.08
N ILE A 221 0.28 19.05 21.93
CA ILE A 221 -0.03 18.38 20.67
C ILE A 221 0.83 17.12 20.55
N VAL A 222 2.12 17.25 20.86
CA VAL A 222 3.01 16.08 20.80
C VAL A 222 2.53 14.93 21.69
N ASN A 223 2.22 15.24 22.96
CA ASN A 223 1.81 14.18 23.89
C ASN A 223 0.42 13.64 23.57
N ALA A 224 -0.51 14.51 23.15
CA ALA A 224 -1.87 14.00 22.79
C ALA A 224 -1.75 13.09 21.56
N THR A 225 -0.88 13.46 20.60
CA THR A 225 -0.71 12.67 19.38
C THR A 225 -0.06 11.35 19.69
N PHE A 226 0.99 11.37 20.56
CA PHE A 226 1.65 10.12 20.95
C PHE A 226 0.65 9.20 21.66
N ASP A 227 -0.20 9.77 22.55
CA ASP A 227 -1.18 8.94 23.27
C ASP A 227 -2.24 8.40 22.32
N TYR A 228 -2.64 9.19 21.32
CA TYR A 228 -3.59 8.70 20.30
C TYR A 228 -2.97 7.52 19.55
N TRP A 229 -1.74 7.67 19.03
CA TRP A 229 -1.10 6.58 18.30
C TRP A 229 -0.93 5.34 19.23
N SER A 230 -0.65 5.54 20.51
CA SER A 230 -0.51 4.45 21.47
C SER A 230 -1.83 3.66 21.57
N ARG A 231 -2.95 4.37 21.68
CA ARG A 231 -4.27 3.71 21.70
C ARG A 231 -4.52 2.95 20.40
N GLN A 232 -4.10 3.49 19.24
CA GLN A 232 -4.30 2.80 17.97
C GLN A 232 -3.57 1.43 17.97
N THR A 233 -2.32 1.39 18.51
CA THR A 233 -1.58 0.12 18.51
C THR A 233 -2.28 -0.98 19.28
N GLN A 234 -3.10 -0.61 20.29
CA GLN A 234 -3.79 -1.57 21.13
C GLN A 234 -5.06 -2.17 20.55
N GLY A 235 -5.53 -1.65 19.43
CA GLY A 235 -6.73 -2.14 18.79
C GLY A 235 -7.93 -1.33 19.21
N ILE A 236 -8.75 -0.98 18.25
CA ILE A 236 -9.97 -0.22 18.51
C ILE A 236 -11.12 -1.07 18.01
N ALA A 237 -12.13 -1.28 18.85
CA ALA A 237 -13.29 -2.07 18.45
C ALA A 237 -14.11 -1.35 17.37
N PRO A 238 -14.63 -2.12 16.38
CA PRO A 238 -15.53 -1.50 15.39
C PRO A 238 -16.83 -1.05 16.07
N LEU A 239 -17.60 -0.17 15.39
CA LEU A 239 -18.90 0.26 15.91
C LEU A 239 -19.84 -0.95 15.96
N ARG B 10 13.51 -32.90 9.79
CA ARG B 10 12.44 -32.19 10.48
C ARG B 10 12.79 -30.71 10.56
N ASP B 11 14.05 -30.40 10.93
CA ASP B 11 14.49 -29.00 11.03
C ASP B 11 14.46 -28.35 9.65
N THR B 12 14.84 -29.08 8.60
CA THR B 12 14.81 -28.52 7.24
C THR B 12 13.38 -28.17 6.84
N ARG B 13 12.42 -29.10 7.05
CA ARG B 13 11.02 -28.82 6.66
C ARG B 13 10.42 -27.66 7.44
N GLU B 14 10.79 -27.53 8.74
CA GLU B 14 10.30 -26.42 9.55
C GLU B 14 10.89 -25.11 9.07
N THR B 15 12.18 -25.10 8.73
CA THR B 15 12.83 -23.90 8.21
C THR B 15 12.20 -23.48 6.88
N MET B 16 11.96 -24.44 5.99
CA MET B 16 11.32 -24.13 4.70
C MET B 16 9.91 -23.59 4.88
N ALA B 17 9.13 -24.13 5.86
CA ALA B 17 7.79 -23.64 6.11
C ALA B 17 7.84 -22.17 6.56
N PHE B 18 8.76 -21.83 7.51
CA PHE B 18 8.93 -20.45 7.92
C PHE B 18 9.38 -19.58 6.76
N ALA B 19 10.33 -20.03 5.94
CA ALA B 19 10.79 -19.23 4.78
C ALA B 19 9.60 -18.88 3.86
N CYS B 20 8.73 -19.85 3.62
CA CYS B 20 7.54 -19.61 2.82
C CYS B 20 6.61 -18.57 3.44
N ARG B 21 6.33 -18.69 4.74
CA ARG B 21 5.48 -17.71 5.42
C ARG B 21 6.10 -16.32 5.40
N ILE B 22 7.46 -16.24 5.51
CA ILE B 22 8.13 -14.94 5.51
C ILE B 22 8.01 -14.30 4.12
N LEU B 23 8.21 -15.07 3.09
CA LEU B 23 8.09 -14.58 1.71
C LEU B 23 6.66 -14.07 1.44
N ALA B 24 5.66 -14.81 1.92
CA ALA B 24 4.26 -14.38 1.77
C ALA B 24 3.99 -13.10 2.58
N MET B 25 4.51 -13.02 3.80
CA MET B 25 4.28 -11.87 4.68
C MET B 25 4.92 -10.60 4.10
N THR B 26 6.14 -10.75 3.57
CA THR B 26 6.85 -9.59 3.04
C THR B 26 6.43 -9.28 1.61
N GLU B 27 5.21 -9.77 1.20
CA GLU B 27 4.45 -9.48 0.00
C GLU B 27 5.18 -9.81 -1.28
N GLN B 28 5.28 -11.12 -1.62
CA GLN B 28 5.94 -11.58 -2.84
C GLN B 28 5.06 -12.34 -3.85
N GLU B 29 3.77 -12.63 -3.54
CA GLU B 29 2.83 -13.51 -4.28
C GLU B 29 2.32 -13.14 -5.72
N ALA B 30 2.43 -14.09 -6.68
CA ALA B 30 1.96 -13.89 -8.06
C ALA B 30 1.26 -15.17 -8.56
N GLY B 31 0.13 -15.50 -7.93
CA GLY B 31 -0.55 -16.76 -8.22
C GLY B 31 0.27 -17.88 -7.61
N LEU B 32 0.42 -18.98 -8.33
CA LEU B 32 1.20 -20.14 -7.83
C LEU B 32 2.62 -20.16 -8.46
N ALA B 33 3.19 -18.98 -8.77
CA ALA B 33 4.50 -18.91 -9.42
C ALA B 33 5.72 -19.08 -8.49
N GLY B 34 5.49 -19.15 -7.18
CA GLY B 34 6.61 -19.28 -6.24
C GLY B 34 7.23 -20.66 -6.15
N GLN B 35 8.56 -20.71 -6.05
CA GLN B 35 9.31 -21.95 -5.91
C GLN B 35 10.33 -21.84 -4.80
N ILE B 36 10.51 -22.93 -4.08
CA ILE B 36 11.54 -22.99 -3.06
C ILE B 36 12.08 -24.41 -3.01
N SER B 37 13.39 -24.52 -2.82
CA SER B 37 14.00 -25.82 -2.65
C SER B 37 15.18 -25.74 -1.69
N VAL B 38 15.56 -26.90 -1.15
CA VAL B 38 16.71 -27.07 -0.30
C VAL B 38 17.41 -28.35 -0.78
N ARG B 39 18.71 -28.27 -0.98
CA ARG B 39 19.50 -29.43 -1.42
C ARG B 39 19.39 -30.53 -0.37
N SER B 40 19.09 -31.77 -0.79
CA SER B 40 18.98 -32.88 0.16
C SER B 40 20.35 -33.32 0.70
N GLY B 44 21.74 -36.22 -5.47
CA GLY B 44 20.91 -35.85 -6.62
C GLY B 44 19.45 -35.60 -6.27
N ALA B 45 19.18 -35.24 -5.00
CA ALA B 45 17.80 -35.02 -4.56
C ALA B 45 17.61 -33.61 -3.96
N TYR B 46 16.37 -33.13 -3.89
CA TYR B 46 16.07 -31.84 -3.27
C TYR B 46 14.73 -31.86 -2.56
N TRP B 47 14.58 -31.01 -1.53
CA TRP B 47 13.34 -30.81 -0.77
C TRP B 47 12.62 -29.62 -1.39
N THR B 48 11.30 -29.69 -1.55
CA THR B 48 10.56 -28.61 -2.19
C THR B 48 9.10 -28.59 -1.74
N LEU B 49 8.44 -27.44 -1.95
CA LEU B 49 7.03 -27.31 -1.59
C LEU B 49 6.22 -28.09 -2.61
N ARG B 50 5.30 -28.94 -2.13
CA ARG B 50 4.48 -29.73 -3.04
C ARG B 50 3.60 -28.85 -3.93
N PHE B 51 3.26 -29.39 -5.11
CA PHE B 51 2.48 -28.70 -6.14
C PHE B 51 1.10 -28.24 -5.67
N GLY B 52 0.69 -27.06 -6.13
CA GLY B 52 -0.63 -26.51 -5.90
C GLY B 52 -0.83 -25.66 -4.66
N LEU B 53 0.21 -25.54 -3.84
CA LEU B 53 0.12 -24.74 -2.62
C LEU B 53 0.89 -23.46 -2.77
N GLY B 54 0.37 -22.41 -2.15
CA GLY B 54 1.07 -21.13 -2.11
C GLY B 54 1.99 -21.07 -0.91
N PHE B 55 2.95 -20.15 -0.94
CA PHE B 55 3.88 -19.99 0.19
C PHE B 55 3.16 -19.69 1.50
N ASP B 56 2.07 -18.91 1.43
CA ASP B 56 1.31 -18.52 2.61
C ASP B 56 0.61 -19.67 3.31
N GLU B 57 0.42 -20.83 2.65
CA GLU B 57 -0.24 -21.95 3.36
C GLU B 57 0.73 -23.08 3.69
N ALA B 58 2.03 -22.95 3.34
CA ALA B 58 2.99 -24.04 3.57
C ALA B 58 3.15 -24.42 5.03
N THR B 59 3.12 -25.74 5.30
CA THR B 59 3.39 -26.26 6.65
C THR B 59 4.56 -27.26 6.50
N PRO B 60 5.22 -27.69 7.59
CA PRO B 60 6.36 -28.63 7.44
C PRO B 60 6.04 -29.90 6.66
N GLU B 61 4.85 -30.44 6.83
CA GLU B 61 4.40 -31.65 6.16
C GLU B 61 4.17 -31.48 4.65
N ASP B 62 4.17 -30.23 4.15
CA ASP B 62 3.99 -29.96 2.73
C ASP B 62 5.32 -29.98 1.93
N PHE B 63 6.45 -30.17 2.60
CA PHE B 63 7.76 -30.24 1.95
C PHE B 63 8.12 -31.68 1.74
N ILE B 64 8.38 -32.03 0.48
CA ILE B 64 8.73 -33.39 0.08
C ILE B 64 10.13 -33.44 -0.50
N GLU B 65 10.78 -34.64 -0.42
CA GLU B 65 12.12 -34.86 -0.96
C GLU B 65 11.95 -35.60 -2.26
N VAL B 66 12.63 -35.15 -3.32
CA VAL B 66 12.46 -35.73 -4.65
C VAL B 66 13.78 -35.88 -5.45
N ASP B 67 13.87 -36.91 -6.33
CA ASP B 67 15.06 -37.18 -7.15
C ASP B 67 15.09 -36.36 -8.48
N ARG B 68 16.07 -36.60 -9.40
CA ARG B 68 16.17 -35.90 -10.69
C ARG B 68 14.98 -36.13 -11.63
N ASP B 69 14.26 -37.23 -11.43
CA ASP B 69 13.09 -37.52 -12.24
C ASP B 69 11.78 -37.04 -11.62
N LEU B 70 11.85 -36.25 -10.53
CA LEU B 70 10.69 -35.73 -9.82
C LEU B 70 9.89 -36.80 -9.10
N ASN B 71 10.51 -37.96 -8.79
CA ASN B 71 9.81 -38.98 -8.02
C ASN B 71 9.93 -38.60 -6.56
N THR B 72 8.86 -38.75 -5.79
CA THR B 72 8.89 -38.45 -4.38
C THR B 72 9.61 -39.55 -3.62
N LEU B 73 10.69 -39.19 -2.91
CA LEU B 73 11.50 -40.10 -2.10
C LEU B 73 11.10 -40.03 -0.61
N SER B 74 10.48 -38.91 -0.17
CA SER B 74 10.02 -38.77 1.21
C SER B 74 8.90 -37.74 1.30
N GLY B 75 7.88 -38.04 2.09
CA GLY B 75 6.73 -37.16 2.27
C GLY B 75 5.57 -37.52 1.36
N GLU B 76 4.48 -36.78 1.48
CA GLU B 76 3.29 -37.03 0.67
C GLU B 76 3.05 -35.85 -0.27
N GLY B 77 2.88 -36.14 -1.56
CA GLY B 77 2.61 -35.13 -2.57
C GLY B 77 3.50 -35.25 -3.79
N MET B 78 3.20 -34.43 -4.81
CA MET B 78 3.95 -34.36 -6.06
C MET B 78 4.70 -33.04 -6.15
N ALA B 79 5.89 -33.06 -6.75
CA ALA B 79 6.67 -31.83 -6.89
C ALA B 79 6.09 -30.95 -7.97
N ASN B 80 6.33 -29.64 -7.87
CA ASN B 80 5.93 -28.69 -8.90
C ASN B 80 6.98 -28.91 -9.98
N PRO B 81 6.56 -29.41 -11.17
CA PRO B 81 7.55 -29.72 -12.23
C PRO B 81 8.40 -28.54 -12.64
N ALA B 82 7.94 -27.30 -12.39
CA ALA B 82 8.70 -26.10 -12.73
C ALA B 82 9.96 -25.93 -11.86
N THR B 83 10.11 -26.72 -10.78
CA THR B 83 11.32 -26.66 -9.95
C THR B 83 12.43 -27.60 -10.41
N ARG B 84 12.16 -28.45 -11.44
CA ARG B 84 13.17 -29.41 -11.91
C ARG B 84 14.48 -28.70 -12.28
N PHE B 85 14.40 -27.49 -12.86
CA PHE B 85 15.59 -26.72 -13.27
C PHE B 85 16.55 -26.43 -12.11
N HIS B 86 16.03 -26.41 -10.85
CA HIS B 86 16.87 -26.18 -9.67
C HIS B 86 18.04 -27.15 -9.60
N LEU B 87 17.87 -28.41 -10.09
CA LEU B 87 18.96 -29.38 -10.10
C LEU B 87 20.19 -28.90 -10.85
N TRP B 88 20.01 -28.17 -11.96
CA TRP B 88 21.11 -27.63 -12.74
C TRP B 88 21.89 -26.60 -11.93
N VAL B 89 21.16 -25.76 -11.14
CA VAL B 89 21.81 -24.77 -10.28
C VAL B 89 22.58 -25.48 -9.16
N TYR B 90 21.96 -26.47 -8.50
CA TYR B 90 22.67 -27.22 -7.43
C TYR B 90 23.91 -27.93 -8.00
N GLU B 91 23.82 -28.44 -9.23
CA GLU B 91 24.96 -29.15 -9.84
C GLU B 91 26.09 -28.16 -10.13
N ALA B 92 25.74 -26.96 -10.63
CA ALA B 92 26.76 -25.94 -10.97
C ALA B 92 27.35 -25.25 -9.74
N ARG B 93 26.61 -25.22 -8.63
CA ARG B 93 27.03 -24.50 -7.43
C ARG B 93 27.00 -25.36 -6.19
N PRO B 94 28.11 -26.10 -5.93
CA PRO B 94 28.16 -26.95 -4.72
C PRO B 94 28.00 -26.16 -3.41
N ASP B 95 28.27 -24.85 -3.44
CA ASP B 95 28.12 -23.97 -2.26
C ASP B 95 26.63 -23.59 -1.98
N VAL B 96 25.75 -23.75 -2.98
CA VAL B 96 24.34 -23.39 -2.83
C VAL B 96 23.54 -24.55 -2.25
N ASN B 97 22.78 -24.30 -1.19
CA ASN B 97 21.94 -25.32 -0.58
C ASN B 97 20.45 -24.95 -0.58
N SER B 98 20.07 -23.73 -1.00
CA SER B 98 18.66 -23.35 -1.05
C SER B 98 18.43 -22.35 -2.14
N ILE B 99 17.35 -22.51 -2.88
CA ILE B 99 17.02 -21.66 -4.01
C ILE B 99 15.59 -21.18 -3.88
N ILE B 100 15.35 -19.89 -4.14
CA ILE B 100 14.01 -19.33 -4.11
C ILE B 100 13.78 -18.60 -5.43
N HIS B 101 12.60 -18.79 -6.04
CA HIS B 101 12.26 -18.03 -7.24
C HIS B 101 10.82 -17.56 -7.08
N THR B 102 10.59 -16.24 -7.28
CA THR B 102 9.24 -15.69 -7.23
C THR B 102 9.16 -14.53 -8.26
N HIS B 103 7.95 -14.00 -8.49
CA HIS B 103 7.76 -12.84 -9.35
C HIS B 103 7.27 -11.74 -8.40
N SER B 104 8.08 -11.41 -7.38
CA SER B 104 7.67 -10.43 -6.37
C SER B 104 7.45 -9.05 -7.00
N PRO B 105 6.55 -8.24 -6.41
CA PRO B 105 6.13 -7.01 -7.09
C PRO B 105 7.22 -6.04 -7.53
N TRP B 106 8.14 -5.66 -6.63
CA TRP B 106 9.13 -4.64 -6.96
C TRP B 106 10.33 -5.17 -7.70
N ALA B 107 10.86 -6.35 -7.31
CA ALA B 107 11.97 -6.95 -8.09
C ALA B 107 11.52 -7.22 -9.54
N THR B 108 10.24 -7.54 -9.72
CA THR B 108 9.74 -7.80 -11.08
C THR B 108 9.64 -6.48 -11.88
N VAL B 109 9.54 -5.32 -11.22
CA VAL B 109 9.56 -4.03 -11.95
C VAL B 109 10.94 -3.88 -12.58
N LEU B 110 12.02 -4.17 -11.80
CA LEU B 110 13.37 -4.08 -12.40
C LEU B 110 13.51 -5.08 -13.56
N ALA B 111 13.04 -6.31 -13.36
CA ALA B 111 13.12 -7.35 -14.40
C ALA B 111 12.38 -6.94 -15.65
N THR B 112 11.21 -6.31 -15.48
CA THR B 112 10.35 -5.95 -16.62
C THR B 112 10.97 -4.79 -17.39
N ALA B 113 11.53 -3.83 -16.66
CA ALA B 113 12.18 -2.69 -17.29
C ALA B 113 13.61 -2.98 -17.74
N ARG B 114 14.14 -4.20 -17.51
CA ARG B 114 15.50 -4.58 -17.91
C ARG B 114 16.50 -3.67 -17.18
N GLN B 115 16.25 -3.42 -15.88
CA GLN B 115 17.09 -2.53 -15.11
C GLN B 115 17.82 -3.26 -14.02
N PRO B 116 19.15 -3.27 -14.07
CA PRO B 116 19.91 -3.87 -12.96
C PRO B 116 19.83 -3.01 -11.69
N LEU B 117 20.07 -3.65 -10.56
CA LEU B 117 20.14 -2.95 -9.27
C LEU B 117 21.30 -1.98 -9.27
N VAL B 118 21.12 -0.81 -8.62
CA VAL B 118 22.17 0.18 -8.45
C VAL B 118 22.35 0.33 -6.94
N ILE B 119 23.50 -0.06 -6.43
CA ILE B 119 23.75 -0.09 -4.99
C ILE B 119 23.96 1.30 -4.45
N SER B 120 22.92 1.87 -3.82
CA SER B 120 22.97 3.25 -3.37
C SER B 120 22.52 3.42 -1.93
N GLN B 121 22.38 2.31 -1.14
CA GLN B 121 21.95 2.40 0.23
C GLN B 121 22.42 1.16 0.98
N MET B 122 22.70 1.31 2.28
CA MET B 122 23.20 0.28 3.20
C MET B 122 22.54 -1.10 2.98
N ASP B 123 21.20 -1.18 3.03
CA ASP B 123 20.51 -2.47 2.91
C ASP B 123 20.54 -3.08 1.52
N MET B 124 20.99 -2.33 0.51
CA MET B 124 21.13 -2.90 -0.85
C MET B 124 22.45 -3.66 -0.99
N THR B 125 23.44 -3.40 -0.07
CA THR B 125 24.78 -3.96 -0.16
C THR B 125 24.87 -5.49 -0.09
N PRO B 126 23.97 -6.29 0.52
CA PRO B 126 24.11 -7.76 0.39
C PRO B 126 24.05 -8.22 -1.08
N LEU B 127 23.54 -7.38 -2.01
CA LEU B 127 23.50 -7.68 -3.45
C LEU B 127 24.65 -7.03 -4.22
N HIS B 128 25.52 -6.24 -3.58
CA HIS B 128 26.64 -5.58 -4.28
C HIS B 128 27.58 -6.63 -4.82
N ASN B 129 27.87 -6.54 -6.14
CA ASN B 129 28.70 -7.53 -6.84
C ASN B 129 28.17 -8.96 -6.61
N ASP B 130 26.85 -9.08 -6.35
CA ASP B 130 26.25 -10.36 -6.03
C ASP B 130 24.87 -10.54 -6.65
N CYS B 131 24.56 -9.79 -7.70
CA CYS B 131 23.31 -9.94 -8.39
C CYS B 131 23.54 -9.91 -9.89
N ALA B 132 23.39 -11.07 -10.54
CA ALA B 132 23.52 -11.20 -11.99
C ALA B 132 22.26 -10.65 -12.68
N PHE B 133 22.27 -10.51 -14.03
CA PHE B 133 21.10 -10.03 -14.75
C PHE B 133 21.00 -10.84 -16.04
N LEU B 134 19.95 -11.62 -16.20
CA LEU B 134 19.74 -12.41 -17.42
C LEU B 134 18.90 -11.55 -18.36
N GLY B 135 19.46 -11.12 -19.48
CA GLY B 135 18.77 -10.25 -20.41
C GLY B 135 17.78 -10.95 -21.32
N GLU B 136 17.99 -12.24 -21.56
CA GLU B 136 17.12 -12.99 -22.46
C GLU B 136 15.94 -13.63 -21.76
N TRP B 137 14.75 -13.52 -22.38
CA TRP B 137 13.57 -14.17 -21.85
C TRP B 137 13.22 -15.25 -22.85
N PRO B 138 13.40 -16.51 -22.49
CA PRO B 138 13.12 -17.60 -23.45
C PRO B 138 11.66 -18.06 -23.50
N GLY B 139 10.74 -17.35 -22.85
CA GLY B 139 9.34 -17.75 -22.82
C GLY B 139 9.10 -18.76 -21.72
N VAL B 140 8.30 -19.80 -21.99
CA VAL B 140 8.06 -20.94 -21.09
C VAL B 140 9.02 -22.07 -21.56
N PRO B 141 10.31 -22.02 -21.20
CA PRO B 141 11.23 -23.09 -21.66
C PRO B 141 11.07 -24.38 -20.89
N ILE B 142 11.62 -25.47 -21.45
CA ILE B 142 11.63 -26.75 -20.78
C ILE B 142 12.71 -26.68 -19.66
N ALA B 143 12.56 -27.55 -18.65
CA ALA B 143 13.45 -27.64 -17.48
C ALA B 143 14.94 -27.59 -17.80
N ASP B 144 15.40 -28.37 -18.79
CA ASP B 144 16.81 -28.39 -19.12
C ASP B 144 17.31 -27.08 -19.69
N GLN B 145 16.61 -26.50 -20.67
CA GLN B 145 17.03 -25.22 -21.25
C GLN B 145 17.09 -24.13 -20.16
N GLU B 146 16.09 -24.10 -19.29
CA GLU B 146 16.04 -23.11 -18.23
C GLU B 146 17.17 -23.28 -17.21
N GLY B 147 17.48 -24.52 -16.83
CA GLY B 147 18.54 -24.78 -15.88
C GLY B 147 19.90 -24.34 -16.38
N VAL B 148 20.21 -24.64 -17.64
CA VAL B 148 21.50 -24.29 -18.22
C VAL B 148 21.60 -22.77 -18.36
N ILE B 149 20.56 -22.14 -18.89
CA ILE B 149 20.53 -20.69 -19.08
C ILE B 149 20.71 -19.94 -17.75
N ILE B 150 19.96 -20.35 -16.72
CA ILE B 150 20.02 -19.68 -15.43
C ILE B 150 21.33 -19.98 -14.70
N SER B 151 21.83 -21.23 -14.69
CA SER B 151 23.11 -21.54 -14.04
C SER B 151 24.27 -20.76 -14.65
N LYS B 152 24.30 -20.65 -15.99
CA LYS B 152 25.35 -19.91 -16.66
C LYS B 152 25.29 -18.42 -16.35
N ALA B 153 24.09 -17.83 -16.42
CA ALA B 153 23.95 -16.40 -16.16
C ALA B 153 24.19 -16.04 -14.68
N LEU B 154 23.81 -16.94 -13.77
CA LEU B 154 24.01 -16.71 -12.34
C LEU B 154 25.49 -16.67 -11.99
N GLY B 155 26.30 -17.54 -12.61
CA GLY B 155 27.73 -17.59 -12.32
C GLY B 155 27.95 -17.91 -10.84
N ASP B 156 28.82 -17.15 -10.17
CA ASP B 156 29.07 -17.33 -8.75
C ASP B 156 28.25 -16.43 -7.84
N LYS B 157 27.22 -15.75 -8.38
CA LYS B 157 26.43 -14.76 -7.62
C LYS B 157 25.38 -15.36 -6.68
N ARG B 158 24.89 -14.54 -5.73
CA ARG B 158 23.87 -14.96 -4.77
C ARG B 158 22.45 -14.75 -5.33
N ALA B 159 22.31 -13.92 -6.36
CA ALA B 159 20.97 -13.60 -6.88
C ALA B 159 21.04 -13.29 -8.36
N ILE B 160 19.89 -13.34 -9.04
CA ILE B 160 19.82 -13.01 -10.45
C ILE B 160 18.48 -12.42 -10.74
N ILE B 161 18.47 -11.33 -11.49
CA ILE B 161 17.25 -10.72 -11.94
C ILE B 161 17.03 -11.33 -13.34
N LEU B 162 15.86 -11.92 -13.56
CA LEU B 162 15.52 -12.59 -14.82
C LEU B 162 14.65 -11.66 -15.64
N ALA B 163 15.21 -11.06 -16.71
CA ALA B 163 14.45 -10.08 -17.51
C ALA B 163 13.07 -10.59 -17.95
N HIS B 164 12.07 -9.71 -17.83
CA HIS B 164 10.68 -10.00 -18.23
C HIS B 164 10.07 -11.15 -17.43
N HIS B 165 10.61 -11.43 -16.21
CA HIS B 165 10.14 -12.61 -15.49
C HIS B 165 10.07 -12.40 -13.99
N GLY B 166 11.22 -12.20 -13.33
CA GLY B 166 11.23 -12.12 -11.88
C GLY B 166 12.65 -12.24 -11.38
N TYR B 167 12.88 -13.02 -10.31
CA TYR B 167 14.26 -13.15 -9.81
C TYR B 167 14.49 -14.55 -9.20
N LEU B 168 15.74 -14.87 -8.91
CA LEU B 168 16.06 -16.09 -8.17
C LEU B 168 17.16 -15.75 -7.18
N THR B 169 17.11 -16.35 -5.99
CA THR B 169 18.22 -16.22 -5.02
C THR B 169 18.77 -17.61 -4.76
N ALA B 170 20.07 -17.67 -4.45
CA ALA B 170 20.75 -18.96 -4.24
C ALA B 170 21.62 -18.75 -3.01
N GLY B 171 21.23 -19.37 -1.91
CA GLY B 171 21.95 -19.19 -0.67
C GLY B 171 22.64 -20.43 -0.16
N LYS B 172 23.58 -20.24 0.78
CA LYS B 172 24.29 -21.37 1.42
C LYS B 172 23.34 -22.13 2.40
N SER B 173 22.25 -21.49 2.82
CA SER B 173 21.23 -22.06 3.66
C SER B 173 19.87 -21.49 3.20
N CYS B 174 18.80 -22.09 3.70
CA CYS B 174 17.46 -21.58 3.40
C CYS B 174 17.30 -20.17 4.02
N GLN B 175 17.89 -19.94 5.23
CA GLN B 175 17.86 -18.64 5.86
C GLN B 175 18.52 -17.60 4.99
N GLU B 176 19.69 -17.94 4.38
CA GLU B 176 20.36 -16.96 3.51
C GLU B 176 19.57 -16.71 2.25
N ALA B 177 19.02 -17.76 1.61
CA ALA B 177 18.20 -17.54 0.38
C ALA B 177 17.00 -16.62 0.71
N THR B 178 16.38 -16.83 1.89
CA THR B 178 15.22 -15.98 2.28
C THR B 178 15.64 -14.54 2.54
N TYR B 179 16.75 -14.35 3.26
CA TYR B 179 17.26 -13.01 3.59
C TYR B 179 17.60 -12.27 2.28
N LEU B 180 18.24 -12.95 1.33
CA LEU B 180 18.55 -12.34 0.03
C LEU B 180 17.27 -11.97 -0.73
N SER B 181 16.25 -12.82 -0.66
CA SER B 181 14.97 -12.55 -1.33
CA SER B 181 14.97 -12.55 -1.33
C SER B 181 14.30 -11.28 -0.79
N VAL B 182 14.22 -11.17 0.53
CA VAL B 182 13.58 -10.03 1.16
C VAL B 182 14.39 -8.76 0.93
N TYR B 183 15.72 -8.82 1.09
CA TYR B 183 16.54 -7.66 0.86
C TYR B 183 16.52 -7.24 -0.61
N LEU B 184 16.52 -8.18 -1.55
CA LEU B 184 16.45 -7.82 -2.98
C LEU B 184 15.10 -7.11 -3.29
N GLU B 185 13.98 -7.65 -2.77
CA GLU B 185 12.68 -7.05 -3.01
C GLU B 185 12.60 -5.61 -2.43
N ARG B 186 13.14 -5.41 -1.22
CA ARG B 186 13.13 -4.08 -0.61
C ARG B 186 14.08 -3.11 -1.30
N ALA B 187 15.21 -3.65 -1.80
CA ALA B 187 16.20 -2.83 -2.54
C ALA B 187 15.58 -2.40 -3.86
N ALA B 188 14.86 -3.33 -4.54
CA ALA B 188 14.18 -2.97 -5.79
C ALA B 188 13.11 -1.88 -5.52
N ARG B 189 12.33 -2.02 -4.44
CA ARG B 189 11.30 -1.02 -4.11
C ARG B 189 11.91 0.36 -3.89
N LEU B 190 13.04 0.40 -3.14
CA LEU B 190 13.71 1.66 -2.84
C LEU B 190 14.21 2.28 -4.16
N GLN B 191 14.84 1.48 -5.02
CA GLN B 191 15.35 2.01 -6.29
C GLN B 191 14.28 2.51 -7.23
N VAL B 192 13.18 1.77 -7.36
CA VAL B 192 12.10 2.18 -8.25
C VAL B 192 11.44 3.49 -7.74
N ARG B 193 11.17 3.56 -6.43
CA ARG B 193 10.58 4.77 -5.85
C ARG B 193 11.52 5.96 -6.00
N ALA B 194 12.82 5.75 -5.77
CA ALA B 194 13.78 6.84 -5.86
C ALA B 194 13.97 7.31 -7.28
N GLN B 195 14.08 6.41 -8.25
CA GLN B 195 14.24 6.82 -9.66
C GLN B 195 12.99 7.48 -10.21
N ALA B 196 11.78 7.04 -9.79
CA ALA B 196 10.55 7.71 -10.25
C ALA B 196 10.56 9.21 -9.84
N ALA B 197 11.06 9.51 -8.61
CA ALA B 197 11.05 10.90 -8.15
C ALA B 197 12.27 11.68 -8.59
N PHE B 198 13.45 11.03 -8.64
CA PHE B 198 14.71 11.79 -8.82
C PHE B 198 15.61 11.36 -9.99
N GLY B 199 15.23 10.34 -10.74
CA GLY B 199 16.04 9.85 -11.86
C GLY B 199 17.13 8.88 -11.42
N PRO B 200 18.08 8.57 -12.32
CA PRO B 200 19.14 7.59 -11.96
C PRO B 200 19.92 7.94 -10.70
N LEU B 201 20.23 6.92 -9.91
CA LEU B 201 20.89 7.08 -8.64
C LEU B 201 22.40 7.02 -8.77
N THR B 202 23.09 7.71 -7.85
CA THR B 202 24.54 7.62 -7.80
C THR B 202 24.87 6.47 -6.84
N PRO B 203 25.66 5.51 -7.31
CA PRO B 203 26.00 4.39 -6.44
C PRO B 203 26.95 4.79 -5.30
N VAL B 204 26.97 4.02 -4.20
CA VAL B 204 27.95 4.24 -3.15
C VAL B 204 29.34 3.68 -3.58
N ASP B 205 30.39 4.07 -2.88
CA ASP B 205 31.75 3.61 -3.09
C ASP B 205 31.81 2.07 -3.05
N ASP B 206 32.46 1.44 -4.05
CA ASP B 206 32.54 -0.03 -4.12
C ASP B 206 33.21 -0.68 -2.94
N THR B 207 34.32 -0.09 -2.43
CA THR B 207 35.01 -0.68 -1.28
C THR B 207 34.13 -0.67 -0.05
N LEU B 208 33.48 0.47 0.24
CA LEU B 208 32.59 0.52 1.41
C LEU B 208 31.37 -0.40 1.21
N ALA B 209 30.86 -0.49 -0.03
CA ALA B 209 29.71 -1.38 -0.31
C ALA B 209 30.11 -2.85 -0.06
N ALA B 210 31.34 -3.25 -0.46
CA ALA B 210 31.77 -4.64 -0.23
C ALA B 210 31.92 -4.93 1.27
N GLU B 211 32.38 -3.93 2.05
CA GLU B 211 32.52 -4.13 3.50
C GLU B 211 31.13 -4.28 4.14
N ALA B 212 30.17 -3.44 3.71
CA ALA B 212 28.79 -3.50 4.24
C ALA B 212 28.14 -4.83 3.81
N HIS B 213 28.40 -5.29 2.58
CA HIS B 213 27.93 -6.58 2.05
C HIS B 213 28.38 -7.73 3.00
N ASP B 214 29.68 -7.76 3.32
CA ASP B 214 30.21 -8.80 4.19
C ASP B 214 29.64 -8.70 5.59
N TYR B 215 29.47 -7.48 6.11
CA TYR B 215 28.91 -7.27 7.44
C TYR B 215 27.47 -7.80 7.49
N LEU B 216 26.63 -7.41 6.52
CA LEU B 216 25.21 -7.80 6.54
C LEU B 216 24.96 -9.27 6.25
N LEU B 217 25.94 -9.94 5.63
CA LEU B 217 25.80 -11.36 5.31
C LEU B 217 26.44 -12.29 6.36
N LYS B 218 26.92 -11.76 7.51
CA LYS B 218 27.43 -12.62 8.56
C LYS B 218 26.30 -13.53 9.07
N PRO B 219 26.60 -14.80 9.33
CA PRO B 219 25.54 -15.73 9.79
C PRO B 219 24.74 -15.26 10.99
N SER B 220 25.37 -14.58 11.98
CA SER B 220 24.61 -14.13 13.16
C SER B 220 23.51 -13.16 12.78
N ILE B 221 23.77 -12.27 11.81
CA ILE B 221 22.76 -11.28 11.40
C ILE B 221 21.69 -11.97 10.55
N VAL B 222 22.14 -12.83 9.59
CA VAL B 222 21.19 -13.52 8.72
C VAL B 222 20.20 -14.39 9.54
N ASN B 223 20.75 -15.18 10.49
CA ASN B 223 19.89 -16.05 11.28
C ASN B 223 19.03 -15.28 12.26
N ALA B 224 19.56 -14.25 12.92
CA ALA B 224 18.73 -13.47 13.87
C ALA B 224 17.57 -12.77 13.10
N THR B 225 17.86 -12.29 11.87
CA THR B 225 16.85 -11.62 11.06
C THR B 225 15.80 -12.62 10.62
N PHE B 226 16.25 -13.81 10.16
CA PHE B 226 15.30 -14.86 9.73
C PHE B 226 14.41 -15.26 10.91
N ASP B 227 15.00 -15.41 12.11
CA ASP B 227 14.21 -15.80 13.29
C ASP B 227 13.22 -14.70 13.68
N TYR B 228 13.63 -13.43 13.54
CA TYR B 228 12.72 -12.31 13.82
C TYR B 228 11.53 -12.36 12.84
N TRP B 229 11.80 -12.48 11.53
CA TRP B 229 10.72 -12.54 10.55
C TRP B 229 9.81 -13.76 10.83
N SER B 230 10.39 -14.88 11.24
CA SER B 230 9.62 -16.09 11.59
C SER B 230 8.64 -15.80 12.72
N ARG B 231 9.11 -15.15 13.78
CA ARG B 231 8.21 -14.74 14.89
C ARG B 231 7.10 -13.80 14.40
N GLN B 232 7.43 -12.87 13.48
CA GLN B 232 6.41 -11.94 12.96
C GLN B 232 5.28 -12.72 12.26
N THR B 233 5.63 -13.77 11.47
CA THR B 233 4.56 -14.52 10.77
C THR B 233 3.59 -15.18 11.74
N GLN B 234 4.04 -15.51 12.97
CA GLN B 234 3.21 -16.21 13.94
C GLN B 234 2.20 -15.35 14.67
N GLY B 235 2.29 -14.02 14.51
CA GLY B 235 1.38 -13.08 15.14
C GLY B 235 1.96 -12.55 16.44
N ILE B 236 1.85 -11.26 16.65
CA ILE B 236 2.34 -10.63 17.88
C ILE B 236 1.17 -9.93 18.54
N ALA B 237 0.94 -10.18 19.82
CA ALA B 237 -0.14 -9.53 20.53
C ALA B 237 0.15 -8.05 20.75
N PRO B 238 -0.89 -7.18 20.63
CA PRO B 238 -0.69 -5.77 21.00
C PRO B 238 -0.42 -5.62 22.50
N LEU B 239 0.10 -4.44 22.92
CA LEU B 239 0.34 -4.18 24.34
C LEU B 239 -1.00 -4.14 25.06
N THR B 240 -1.08 -4.72 26.27
CA THR B 240 -2.33 -4.75 27.03
C THR B 240 -2.82 -3.37 27.46
N LYS B 241 -4.14 -3.21 27.56
CA LYS B 241 -4.75 -1.94 27.98
C LYS B 241 -4.78 -1.78 29.49
N GLN C 9 -27.13 -24.24 -9.82
CA GLN C 9 -27.49 -22.94 -9.25
C GLN C 9 -26.69 -22.66 -7.96
N ARG C 10 -26.67 -23.64 -7.04
CA ARG C 10 -25.95 -23.51 -5.78
C ARG C 10 -24.46 -23.38 -6.03
N ASP C 11 -23.90 -24.21 -6.91
CA ASP C 11 -22.48 -24.13 -7.24
C ASP C 11 -22.15 -22.84 -7.96
N THR C 12 -23.01 -22.37 -8.88
CA THR C 12 -22.76 -21.08 -9.53
C THR C 12 -22.70 -19.93 -8.50
N ARG C 13 -23.67 -19.88 -7.58
CA ARG C 13 -23.69 -18.81 -6.57
C ARG C 13 -22.48 -18.86 -5.64
N GLU C 14 -22.02 -20.07 -5.29
CA GLU C 14 -20.85 -20.22 -4.43
C GLU C 14 -19.61 -19.78 -5.17
N THR C 15 -19.51 -20.12 -6.48
CA THR C 15 -18.33 -19.69 -7.25
C THR C 15 -18.31 -18.17 -7.37
N MET C 16 -19.47 -17.56 -7.63
CA MET C 16 -19.54 -16.09 -7.72
C MET C 16 -19.18 -15.42 -6.39
N ALA C 17 -19.61 -16.03 -5.26
CA ALA C 17 -19.28 -15.44 -3.94
C ALA C 17 -17.76 -15.46 -3.74
N PHE C 18 -17.10 -16.60 -4.06
CA PHE C 18 -15.63 -16.65 -3.95
C PHE C 18 -14.98 -15.68 -4.90
N ALA C 19 -15.45 -15.55 -6.13
CA ALA C 19 -14.89 -14.59 -7.11
C ALA C 19 -14.92 -13.17 -6.52
N CYS C 20 -16.06 -12.79 -5.91
CA CYS C 20 -16.16 -11.47 -5.29
C CYS C 20 -15.16 -11.29 -4.16
N ARG C 21 -15.06 -12.27 -3.26
CA ARG C 21 -14.08 -12.16 -2.16
C ARG C 21 -12.64 -12.06 -2.69
N ILE C 22 -12.34 -12.79 -3.80
CA ILE C 22 -11.00 -12.74 -4.38
C ILE C 22 -10.73 -11.36 -4.98
N LEU C 23 -11.67 -10.79 -5.73
CA LEU C 23 -11.52 -9.43 -6.29
C LEU C 23 -11.29 -8.40 -5.15
N ALA C 24 -12.04 -8.53 -4.07
CA ALA C 24 -11.89 -7.62 -2.93
C ALA C 24 -10.50 -7.81 -2.30
N MET C 25 -10.06 -9.05 -2.11
CA MET C 25 -8.76 -9.33 -1.50
C MET C 25 -7.62 -8.76 -2.34
N THR C 26 -7.77 -8.83 -3.67
CA THR C 26 -6.74 -8.34 -4.56
C THR C 26 -6.89 -6.84 -4.83
N GLU C 27 -7.63 -6.13 -3.92
CA GLU C 27 -7.82 -4.68 -3.81
C GLU C 27 -8.36 -4.04 -5.08
N GLN C 28 -9.72 -4.10 -5.29
CA GLN C 28 -10.31 -3.55 -6.52
C GLN C 28 -11.57 -2.72 -6.27
N GLU C 29 -11.76 -2.17 -5.03
CA GLU C 29 -12.97 -1.42 -4.64
C GLU C 29 -13.00 0.08 -4.98
N ALA C 30 -14.06 0.52 -5.69
CA ALA C 30 -14.26 1.94 -6.02
C ALA C 30 -15.73 2.26 -5.75
N GLY C 31 -16.13 2.23 -4.46
CA GLY C 31 -17.54 2.40 -4.11
C GLY C 31 -18.32 1.18 -4.59
N LEU C 32 -19.48 1.41 -5.15
CA LEU C 32 -20.33 0.32 -5.66
C LEU C 32 -20.19 0.21 -7.18
N ALA C 33 -18.99 0.54 -7.74
CA ALA C 33 -18.77 0.44 -9.18
C ALA C 33 -18.63 -1.02 -9.64
N GLY C 34 -18.28 -1.95 -8.74
CA GLY C 34 -18.05 -3.35 -9.14
C GLY C 34 -19.27 -4.09 -9.62
N GLN C 35 -19.09 -4.89 -10.71
CA GLN C 35 -20.20 -5.68 -11.25
C GLN C 35 -19.66 -7.06 -11.60
N ILE C 36 -20.49 -8.06 -11.43
CA ILE C 36 -20.14 -9.43 -11.80
C ILE C 36 -21.40 -10.12 -12.26
N SER C 37 -21.27 -10.93 -13.29
CA SER C 37 -22.42 -11.72 -13.75
C SER C 37 -21.95 -13.06 -14.28
N VAL C 38 -22.87 -14.01 -14.33
CA VAL C 38 -22.70 -15.32 -14.93
C VAL C 38 -23.92 -15.58 -15.80
N ARG C 39 -23.71 -16.01 -17.03
CA ARG C 39 -24.81 -16.32 -17.97
C ARG C 39 -25.66 -17.43 -17.37
N SER C 40 -26.99 -17.23 -17.30
CA SER C 40 -27.87 -18.26 -16.75
C SER C 40 -28.01 -19.46 -17.70
N GLU C 41 -28.36 -20.63 -17.13
CA GLU C 41 -28.71 -21.78 -18.02
C GLU C 41 -30.03 -21.44 -18.79
N ARG C 42 -30.86 -20.49 -18.25
CA ARG C 42 -32.11 -20.05 -18.81
C ARG C 42 -31.80 -18.94 -19.83
N PRO C 43 -32.28 -19.08 -21.06
CA PRO C 43 -32.02 -18.03 -22.07
C PRO C 43 -32.53 -16.65 -21.68
N GLY C 44 -31.79 -15.59 -22.04
CA GLY C 44 -32.19 -14.22 -21.74
C GLY C 44 -32.02 -13.80 -20.29
N ALA C 45 -31.28 -14.60 -19.49
CA ALA C 45 -31.14 -14.28 -18.06
C ALA C 45 -29.67 -14.32 -17.63
N TYR C 46 -29.38 -13.68 -16.52
CA TYR C 46 -28.02 -13.74 -15.95
C TYR C 46 -28.09 -13.68 -14.45
N TRP C 47 -27.08 -14.25 -13.78
CA TRP C 47 -26.92 -14.21 -12.32
C TRP C 47 -26.01 -13.05 -12.01
N THR C 48 -26.33 -12.29 -10.93
CA THR C 48 -25.51 -11.09 -10.61
C THR C 48 -25.65 -10.73 -9.16
N LEU C 49 -24.68 -9.97 -8.66
CA LEU C 49 -24.71 -9.53 -7.28
C LEU C 49 -25.77 -8.49 -7.09
N ARG C 50 -26.61 -8.68 -6.08
CA ARG C 50 -27.72 -7.73 -5.87
C ARG C 50 -27.24 -6.32 -5.55
N PHE C 51 -28.09 -5.33 -5.84
CA PHE C 51 -27.78 -3.91 -5.68
C PHE C 51 -27.40 -3.56 -4.27
N GLY C 52 -26.41 -2.69 -4.14
CA GLY C 52 -26.05 -2.13 -2.85
C GLY C 52 -24.93 -2.81 -2.10
N LEU C 53 -24.51 -3.98 -2.59
CA LEU C 53 -23.46 -4.74 -1.89
C LEU C 53 -22.15 -4.65 -2.59
N GLY C 54 -21.09 -4.66 -1.80
CA GLY C 54 -19.74 -4.69 -2.33
C GLY C 54 -19.26 -6.12 -2.52
N PHE C 55 -18.21 -6.29 -3.29
CA PHE C 55 -17.64 -7.63 -3.53
C PHE C 55 -17.18 -8.30 -2.23
N ASP C 56 -16.67 -7.50 -1.30
CA ASP C 56 -16.13 -8.04 -0.06
C ASP C 56 -17.18 -8.62 0.86
N GLU C 57 -18.49 -8.26 0.67
CA GLU C 57 -19.50 -8.86 1.56
C GLU C 57 -20.36 -9.92 0.89
N ALA C 58 -20.12 -10.19 -0.42
CA ALA C 58 -20.96 -11.12 -1.15
C ALA C 58 -21.02 -12.51 -0.55
N THR C 59 -22.23 -13.06 -0.41
CA THR C 59 -22.41 -14.46 0.01
C THR C 59 -23.25 -15.15 -1.10
N PRO C 60 -23.34 -16.50 -1.12
CA PRO C 60 -24.09 -17.16 -2.20
C PRO C 60 -25.54 -16.65 -2.37
N GLU C 61 -26.21 -16.34 -1.25
CA GLU C 61 -27.60 -15.86 -1.26
C GLU C 61 -27.76 -14.44 -1.80
N ASP C 62 -26.65 -13.72 -2.02
CA ASP C 62 -26.69 -12.38 -2.58
C ASP C 62 -26.69 -12.34 -4.10
N PHE C 63 -26.56 -13.50 -4.75
CA PHE C 63 -26.59 -13.60 -6.21
C PHE C 63 -28.00 -13.98 -6.64
N ILE C 64 -28.57 -13.15 -7.48
CA ILE C 64 -29.94 -13.33 -7.99
C ILE C 64 -29.91 -13.51 -9.49
N GLU C 65 -30.96 -14.13 -10.03
CA GLU C 65 -31.07 -14.35 -11.47
C GLU C 65 -32.04 -13.33 -12.00
N VAL C 66 -31.65 -12.58 -13.03
CA VAL C 66 -32.51 -11.52 -13.56
C VAL C 66 -32.70 -11.63 -15.06
N ASP C 67 -33.78 -11.06 -15.57
CA ASP C 67 -34.06 -11.12 -17.01
C ASP C 67 -33.61 -9.83 -17.74
N ARG C 68 -33.94 -9.71 -19.05
CA ARG C 68 -33.59 -8.52 -19.81
C ARG C 68 -34.23 -7.24 -19.32
N ASP C 69 -35.35 -7.33 -18.61
CA ASP C 69 -36.01 -6.15 -18.08
C ASP C 69 -35.62 -5.87 -16.60
N LEU C 70 -34.62 -6.58 -16.07
CA LEU C 70 -34.14 -6.45 -14.69
C LEU C 70 -35.16 -6.97 -13.68
N ASN C 71 -36.08 -7.86 -14.09
CA ASN C 71 -37.00 -8.47 -13.13
C ASN C 71 -36.21 -9.59 -12.44
N THR C 72 -36.34 -9.72 -11.11
CA THR C 72 -35.70 -10.84 -10.42
C THR C 72 -36.51 -12.10 -10.67
N LEU C 73 -35.87 -13.09 -11.31
CA LEU C 73 -36.48 -14.38 -11.57
C LEU C 73 -36.26 -15.32 -10.40
N SER C 74 -35.05 -15.30 -9.81
CA SER C 74 -34.74 -16.19 -8.70
CA SER C 74 -34.76 -16.18 -8.69
C SER C 74 -33.91 -15.47 -7.66
N GLY C 75 -34.21 -15.73 -6.40
CA GLY C 75 -33.51 -15.11 -5.30
C GLY C 75 -34.18 -13.89 -4.74
N GLU C 76 -33.57 -13.31 -3.68
CA GLU C 76 -34.15 -12.15 -3.03
C GLU C 76 -33.28 -10.94 -3.33
N GLY C 77 -33.89 -9.90 -3.88
CA GLY C 77 -33.17 -8.67 -4.16
C GLY C 77 -33.43 -8.08 -5.53
N MET C 78 -32.87 -6.91 -5.75
CA MET C 78 -32.99 -6.18 -7.00
C MET C 78 -31.62 -6.10 -7.65
N ALA C 79 -31.59 -6.16 -8.98
CA ALA C 79 -30.33 -6.11 -9.69
C ALA C 79 -29.79 -4.67 -9.67
N ASN C 80 -28.47 -4.52 -9.81
CA ASN C 80 -27.86 -3.22 -9.99
C ASN C 80 -28.17 -2.91 -11.46
N PRO C 81 -28.97 -1.87 -11.72
CA PRO C 81 -29.36 -1.60 -13.11
C PRO C 81 -28.20 -1.36 -14.06
N ALA C 82 -27.04 -0.94 -13.50
CA ALA C 82 -25.85 -0.71 -14.32
C ALA C 82 -25.32 -2.03 -14.93
N THR C 83 -25.82 -3.22 -14.51
CA THR C 83 -25.34 -4.48 -15.10
C THR C 83 -26.16 -4.90 -16.33
N ARG C 84 -27.24 -4.16 -16.67
CA ARG C 84 -28.08 -4.55 -17.81
C ARG C 84 -27.26 -4.69 -19.12
N PHE C 85 -26.22 -3.83 -19.31
CA PHE C 85 -25.41 -3.89 -20.55
C PHE C 85 -24.73 -5.25 -20.74
N HIS C 86 -24.51 -6.00 -19.65
CA HIS C 86 -23.88 -7.34 -19.79
C HIS C 86 -24.63 -8.24 -20.79
N LEU C 87 -25.95 -8.10 -20.90
CA LEU C 87 -26.72 -8.92 -21.85
C LEU C 87 -26.22 -8.79 -23.29
N TRP C 88 -25.77 -7.57 -23.66
CA TRP C 88 -25.28 -7.35 -25.03
C TRP C 88 -23.98 -8.11 -25.27
N VAL C 89 -23.11 -8.17 -24.24
CA VAL C 89 -21.85 -8.92 -24.34
C VAL C 89 -22.16 -10.40 -24.47
N TYR C 90 -23.06 -10.93 -23.62
CA TYR C 90 -23.43 -12.35 -23.72
C TYR C 90 -24.05 -12.69 -25.10
N GLU C 91 -24.88 -11.77 -25.64
CA GLU C 91 -25.49 -12.00 -26.94
C GLU C 91 -24.42 -12.06 -28.04
N ALA C 92 -23.44 -11.16 -27.97
CA ALA C 92 -22.40 -11.09 -29.00
C ALA C 92 -21.35 -12.22 -28.90
N ARG C 93 -21.19 -12.78 -27.70
CA ARG C 93 -20.13 -13.74 -27.40
C ARG C 93 -20.67 -15.01 -26.77
N PRO C 94 -21.11 -15.96 -27.62
CA PRO C 94 -21.61 -17.24 -27.06
C PRO C 94 -20.61 -18.00 -26.20
N ASP C 95 -19.30 -17.73 -26.41
CA ASP C 95 -18.23 -18.35 -25.65
C ASP C 95 -18.09 -17.79 -24.22
N VAL C 96 -18.60 -16.58 -24.00
CA VAL C 96 -18.48 -15.90 -22.69
C VAL C 96 -19.62 -16.32 -21.76
N ASN C 97 -19.26 -16.77 -20.55
CA ASN C 97 -20.25 -17.14 -19.53
C ASN C 97 -20.13 -16.32 -18.25
N SER C 98 -19.10 -15.46 -18.13
CA SER C 98 -18.97 -14.63 -16.92
C SER C 98 -18.29 -13.35 -17.27
N ILE C 99 -18.78 -12.24 -16.67
CA ILE C 99 -18.23 -10.92 -16.95
C ILE C 99 -17.97 -10.20 -15.66
N ILE C 100 -16.82 -9.53 -15.57
CA ILE C 100 -16.50 -8.70 -14.37
C ILE C 100 -16.17 -7.32 -14.86
N HIS C 101 -16.71 -6.28 -14.19
CA HIS C 101 -16.35 -4.92 -14.54
C HIS C 101 -16.06 -4.22 -13.21
N THR C 102 -14.92 -3.55 -13.13
CA THR C 102 -14.59 -2.78 -11.95
C THR C 102 -13.68 -1.57 -12.39
N HIS C 103 -13.47 -0.61 -11.46
CA HIS C 103 -12.58 0.51 -11.65
C HIS C 103 -11.44 0.27 -10.64
N SER C 104 -10.70 -0.83 -10.83
CA SER C 104 -9.63 -1.19 -9.89
C SER C 104 -8.49 -0.17 -9.94
N PRO C 105 -7.72 -0.03 -8.86
CA PRO C 105 -6.78 1.10 -8.79
C PRO C 105 -5.77 1.22 -9.92
N TRP C 106 -5.07 0.15 -10.25
CA TRP C 106 -3.98 0.23 -11.24
C TRP C 106 -4.45 0.14 -12.68
N ALA C 107 -5.42 -0.76 -12.97
CA ALA C 107 -5.97 -0.83 -14.33
C ALA C 107 -6.63 0.51 -14.70
N THR C 108 -7.23 1.20 -13.69
CA THR C 108 -7.85 2.49 -13.95
C THR C 108 -6.82 3.58 -14.24
N VAL C 109 -5.57 3.44 -13.76
CA VAL C 109 -4.51 4.37 -14.13
C VAL C 109 -4.27 4.29 -15.61
N LEU C 110 -4.13 3.03 -16.16
CA LEU C 110 -3.97 2.88 -17.61
C LEU C 110 -5.15 3.47 -18.38
N ALA C 111 -6.37 3.21 -17.90
CA ALA C 111 -7.58 3.71 -18.57
C ALA C 111 -7.59 5.22 -18.58
N THR C 112 -7.20 5.85 -17.48
CA THR C 112 -7.25 7.29 -17.31
C THR C 112 -6.22 7.96 -18.17
N ALA C 113 -5.01 7.37 -18.24
CA ALA C 113 -3.95 7.89 -19.08
C ALA C 113 -4.08 7.49 -20.55
N ARG C 114 -5.11 6.72 -20.92
CA ARG C 114 -5.29 6.25 -22.31
C ARG C 114 -4.08 5.45 -22.77
N GLN C 115 -3.56 4.61 -21.89
N GLN C 115 -3.55 4.61 -21.88
CA GLN C 115 -2.37 3.82 -22.18
CA GLN C 115 -2.36 3.81 -22.19
C GLN C 115 -2.66 2.33 -22.26
C GLN C 115 -2.72 2.34 -22.27
N PRO C 116 -2.56 1.72 -23.45
CA PRO C 116 -2.78 0.27 -23.54
C PRO C 116 -1.70 -0.51 -22.79
N LEU C 117 -2.02 -1.73 -22.44
CA LEU C 117 -1.06 -2.64 -21.81
C LEU C 117 0.08 -2.92 -22.79
N VAL C 118 1.31 -3.03 -22.28
CA VAL C 118 2.48 -3.39 -23.09
C VAL C 118 2.99 -4.66 -22.47
N ILE C 119 2.96 -5.77 -23.23
CA ILE C 119 3.30 -7.08 -22.67
C ILE C 119 4.78 -7.20 -22.54
N SER C 120 5.30 -7.06 -21.31
N SER C 120 5.29 -7.07 -21.31
CA SER C 120 6.75 -7.10 -21.10
CA SER C 120 6.73 -7.08 -21.10
C SER C 120 7.19 -8.03 -19.96
C SER C 120 7.19 -8.01 -19.95
N GLN C 121 6.30 -8.88 -19.46
CA GLN C 121 6.63 -9.80 -18.37
C GLN C 121 5.68 -11.02 -18.42
N MET C 122 6.19 -12.19 -18.00
CA MET C 122 5.48 -13.46 -17.99
C MET C 122 3.99 -13.39 -17.56
N ASP C 123 3.69 -12.80 -16.40
CA ASP C 123 2.33 -12.75 -15.88
C ASP C 123 1.44 -11.76 -16.62
N MET C 124 1.99 -10.91 -17.50
CA MET C 124 1.16 -10.02 -18.31
C MET C 124 0.59 -10.76 -19.56
N THR C 125 1.23 -11.89 -19.91
CA THR C 125 0.90 -12.63 -21.13
C THR C 125 -0.52 -13.17 -21.23
N PRO C 126 -1.30 -13.47 -20.16
CA PRO C 126 -2.71 -13.87 -20.40
C PRO C 126 -3.51 -12.77 -21.12
N LEU C 127 -3.01 -11.50 -21.11
CA LEU C 127 -3.67 -10.40 -21.85
C LEU C 127 -3.05 -10.12 -23.22
N HIS C 128 -1.97 -10.84 -23.60
CA HIS C 128 -1.31 -10.63 -24.89
C HIS C 128 -2.28 -10.95 -26.01
N ASN C 129 -2.48 -9.97 -26.92
CA ASN C 129 -3.43 -10.12 -28.03
C ASN C 129 -4.82 -10.47 -27.52
N ASP C 130 -5.11 -10.08 -26.24
CA ASP C 130 -6.36 -10.45 -25.62
C ASP C 130 -6.94 -9.33 -24.79
N CYS C 131 -6.52 -8.09 -25.06
CA CYS C 131 -7.06 -6.95 -24.33
C CYS C 131 -7.35 -5.82 -25.29
N ALA C 132 -8.63 -5.59 -25.55
CA ALA C 132 -9.08 -4.47 -26.39
C ALA C 132 -8.88 -3.14 -25.65
N PHE C 133 -8.99 -2.00 -26.35
CA PHE C 133 -8.88 -0.70 -25.69
C PHE C 133 -9.94 0.20 -26.30
N LEU C 134 -10.92 0.62 -25.51
CA LEU C 134 -11.93 1.53 -26.01
C LEU C 134 -11.42 2.95 -25.74
N GLY C 135 -11.09 3.68 -26.79
CA GLY C 135 -10.50 5.01 -26.65
C GLY C 135 -11.49 6.10 -26.34
N GLU C 136 -12.76 5.89 -26.67
CA GLU C 136 -13.79 6.90 -26.48
C GLU C 136 -14.53 6.68 -25.18
N TRP C 137 -14.76 7.75 -24.40
CA TRP C 137 -15.55 7.62 -23.19
C TRP C 137 -16.90 8.22 -23.50
N PRO C 138 -17.95 7.39 -23.46
CA PRO C 138 -19.27 7.90 -23.82
C PRO C 138 -20.08 8.55 -22.72
N GLY C 139 -19.48 8.79 -21.55
CA GLY C 139 -20.21 9.40 -20.44
C GLY C 139 -20.97 8.39 -19.62
N VAL C 140 -22.24 8.63 -19.37
CA VAL C 140 -23.11 7.66 -18.70
C VAL C 140 -24.26 7.29 -19.64
N PRO C 141 -24.00 6.48 -20.67
CA PRO C 141 -25.08 6.13 -21.59
C PRO C 141 -26.08 5.14 -20.96
N ILE C 142 -27.28 5.07 -21.54
CA ILE C 142 -28.27 4.09 -21.13
C ILE C 142 -27.72 2.67 -21.50
N ALA C 143 -28.13 1.63 -20.74
CA ALA C 143 -27.62 0.27 -20.93
C ALA C 143 -27.52 -0.23 -22.35
N ASP C 144 -28.47 0.15 -23.21
CA ASP C 144 -28.50 -0.34 -24.57
C ASP C 144 -27.30 0.20 -25.34
N GLN C 145 -27.09 1.51 -25.28
CA GLN C 145 -25.95 2.12 -25.96
CA GLN C 145 -25.96 2.16 -25.95
C GLN C 145 -24.65 1.69 -25.33
N GLU C 146 -24.61 1.53 -24.00
CA GLU C 146 -23.39 1.06 -23.33
C GLU C 146 -23.06 -0.37 -23.78
N GLY C 147 -24.10 -1.20 -23.91
CA GLY C 147 -23.93 -2.59 -24.32
C GLY C 147 -23.40 -2.72 -25.73
N VAL C 148 -23.93 -1.93 -26.68
CA VAL C 148 -23.48 -2.02 -28.06
C VAL C 148 -22.05 -1.51 -28.17
N ILE C 149 -21.74 -0.39 -27.48
CA ILE C 149 -20.40 0.19 -27.52
C ILE C 149 -19.36 -0.82 -27.00
N ILE C 150 -19.64 -1.37 -25.82
CA ILE C 150 -18.66 -2.27 -25.19
C ILE C 150 -18.54 -3.62 -25.93
N SER C 151 -19.68 -4.23 -26.35
N SER C 151 -19.67 -4.21 -26.35
CA SER C 151 -19.58 -5.50 -27.08
CA SER C 151 -19.58 -5.48 -27.09
C SER C 151 -18.84 -5.33 -28.41
C SER C 151 -18.81 -5.31 -28.39
N LYS C 152 -19.06 -4.20 -29.11
CA LYS C 152 -18.38 -3.96 -30.39
C LYS C 152 -16.88 -3.75 -30.15
N ALA C 153 -16.50 -2.95 -29.14
CA ALA C 153 -15.09 -2.68 -28.88
C ALA C 153 -14.36 -3.92 -28.34
N LEU C 154 -15.04 -4.76 -27.55
CA LEU C 154 -14.41 -5.98 -27.02
C LEU C 154 -14.02 -6.95 -28.15
N GLY C 155 -14.90 -7.07 -29.18
CA GLY C 155 -14.61 -7.98 -30.28
C GLY C 155 -14.50 -9.41 -29.77
N ASP C 156 -13.42 -10.11 -30.16
CA ASP C 156 -13.22 -11.48 -29.70
C ASP C 156 -12.28 -11.59 -28.50
N LYS C 157 -11.96 -10.46 -27.84
CA LYS C 157 -10.97 -10.47 -26.74
C LYS C 157 -11.48 -10.96 -25.41
N ARG C 158 -10.55 -11.33 -24.49
CA ARG C 158 -10.92 -11.72 -23.14
C ARG C 158 -11.06 -10.53 -22.18
N ALA C 159 -10.55 -9.35 -22.58
CA ALA C 159 -10.60 -8.20 -21.69
C ALA C 159 -10.64 -6.91 -22.49
N ILE C 160 -11.02 -5.80 -21.83
CA ILE C 160 -11.02 -4.51 -22.48
C ILE C 160 -10.72 -3.44 -21.44
N ILE C 161 -9.84 -2.51 -21.79
CA ILE C 161 -9.59 -1.34 -20.93
C ILE C 161 -10.48 -0.24 -21.51
N LEU C 162 -11.32 0.36 -20.67
CA LEU C 162 -12.27 1.36 -21.08
C LEU C 162 -11.71 2.72 -20.73
N ALA C 163 -11.30 3.52 -21.74
CA ALA C 163 -10.65 4.82 -21.46
C ALA C 163 -11.46 5.71 -20.53
N HIS C 164 -10.78 6.36 -19.58
CA HIS C 164 -11.42 7.26 -18.62
C HIS C 164 -12.48 6.57 -17.76
N HIS C 165 -12.34 5.22 -17.55
CA HIS C 165 -13.37 4.51 -16.83
C HIS C 165 -12.85 3.35 -15.97
N GLY C 166 -12.39 2.25 -16.58
CA GLY C 166 -11.99 1.08 -15.82
C GLY C 166 -11.75 -0.06 -16.81
N TYR C 167 -12.15 -1.27 -16.44
CA TYR C 167 -11.93 -2.40 -17.37
C TYR C 167 -13.10 -3.39 -17.26
N LEU C 168 -13.11 -4.36 -18.19
CA LEU C 168 -14.06 -5.44 -18.13
C LEU C 168 -13.30 -6.69 -18.57
N THR C 169 -13.60 -7.82 -17.94
CA THR C 169 -13.08 -9.12 -18.38
C THR C 169 -14.26 -10.02 -18.78
N ALA C 170 -14.03 -10.93 -19.73
CA ALA C 170 -15.11 -11.77 -20.24
C ALA C 170 -14.51 -13.18 -20.36
N GLY C 171 -14.94 -14.05 -19.48
CA GLY C 171 -14.37 -15.39 -19.42
C GLY C 171 -15.33 -16.50 -19.82
N LYS C 172 -14.76 -17.69 -20.15
CA LYS C 172 -15.61 -18.83 -20.45
C LYS C 172 -16.28 -19.38 -19.15
N SER C 173 -15.71 -19.05 -18.01
CA SER C 173 -16.22 -19.42 -16.72
C SER C 173 -16.01 -18.22 -15.78
N CYS C 174 -16.63 -18.28 -14.61
CA CYS C 174 -16.43 -17.26 -13.59
C CYS C 174 -14.97 -17.31 -13.09
N GLN C 175 -14.39 -18.53 -13.00
CA GLN C 175 -12.98 -18.69 -12.62
C GLN C 175 -12.09 -17.97 -13.62
N GLU C 176 -12.36 -18.12 -14.93
CA GLU C 176 -11.50 -17.47 -15.92
C GLU C 176 -11.68 -15.95 -15.89
N ALA C 177 -12.93 -15.44 -15.73
CA ALA C 177 -13.13 -13.98 -15.68
C ALA C 177 -12.35 -13.42 -14.46
N THR C 178 -12.38 -14.16 -13.32
CA THR C 178 -11.67 -13.68 -12.11
C THR C 178 -10.16 -13.69 -12.32
N TYR C 179 -9.64 -14.78 -12.90
CA TYR C 179 -8.20 -14.92 -13.17
C TYR C 179 -7.74 -13.76 -14.10
N LEU C 180 -8.50 -13.49 -15.14
CA LEU C 180 -8.17 -12.38 -16.06
C LEU C 180 -8.19 -11.05 -15.33
N SER C 181 -9.14 -10.86 -14.44
CA SER C 181 -9.25 -9.61 -13.69
CA SER C 181 -9.25 -9.62 -13.67
C SER C 181 -8.01 -9.39 -12.79
N VAL C 182 -7.63 -10.41 -12.01
CA VAL C 182 -6.49 -10.30 -11.11
C VAL C 182 -5.21 -10.10 -11.90
N TYR C 183 -5.01 -10.87 -12.97
CA TYR C 183 -3.78 -10.76 -13.75
C TYR C 183 -3.74 -9.38 -14.47
N LEU C 184 -4.88 -8.89 -14.93
CA LEU C 184 -4.88 -7.55 -15.60
C LEU C 184 -4.51 -6.44 -14.59
N GLU C 185 -5.07 -6.50 -13.39
CA GLU C 185 -4.82 -5.48 -12.38
C GLU C 185 -3.32 -5.50 -11.99
N ARG C 186 -2.74 -6.73 -11.78
CA ARG C 186 -1.32 -6.83 -11.42
C ARG C 186 -0.40 -6.43 -12.58
N ALA C 187 -0.81 -6.72 -13.82
CA ALA C 187 -0.04 -6.32 -15.00
C ALA C 187 -0.05 -4.81 -15.11
N ALA C 188 -1.20 -4.16 -14.86
CA ALA C 188 -1.29 -2.70 -14.92
C ALA C 188 -0.40 -2.08 -13.81
N ARG C 189 -0.42 -2.65 -12.59
CA ARG C 189 0.42 -2.14 -11.50
C ARG C 189 1.90 -2.21 -11.88
N LEU C 190 2.33 -3.38 -12.44
CA LEU C 190 3.71 -3.56 -12.84
C LEU C 190 4.10 -2.51 -13.90
N GLN C 191 3.24 -2.32 -14.91
CA GLN C 191 3.53 -1.35 -15.97
C GLN C 191 3.58 0.08 -15.49
N VAL C 192 2.63 0.49 -14.65
CA VAL C 192 2.62 1.86 -14.15
C VAL C 192 3.88 2.13 -13.27
N ARG C 193 4.19 1.21 -12.37
CA ARG C 193 5.37 1.38 -11.50
C ARG C 193 6.65 1.41 -12.36
N ALA C 194 6.73 0.53 -13.37
CA ALA C 194 7.91 0.51 -14.23
C ALA C 194 8.05 1.76 -15.08
N GLN C 195 6.96 2.24 -15.67
CA GLN C 195 7.04 3.44 -16.52
C GLN C 195 7.33 4.69 -15.69
N ALA C 196 6.81 4.76 -14.45
CA ALA C 196 7.06 5.94 -13.61
C ALA C 196 8.59 6.07 -13.33
N ALA C 197 9.27 4.93 -13.15
CA ALA C 197 10.70 4.99 -12.85
C ALA C 197 11.57 5.00 -14.09
N PHE C 198 11.16 4.28 -15.14
CA PHE C 198 12.07 4.02 -16.28
C PHE C 198 11.55 4.37 -17.68
N GLY C 199 10.33 4.91 -17.78
CA GLY C 199 9.76 5.22 -19.09
C GLY C 199 9.17 4.02 -19.81
N PRO C 200 8.81 4.21 -21.08
CA PRO C 200 8.16 3.12 -21.85
C PRO C 200 8.95 1.79 -21.87
N LEU C 201 8.22 0.70 -21.83
CA LEU C 201 8.78 -0.64 -21.74
C LEU C 201 9.01 -1.29 -23.10
N THR C 202 9.93 -2.24 -23.14
CA THR C 202 10.21 -3.02 -24.34
C THR C 202 9.30 -4.24 -24.31
N PRO C 203 8.45 -4.44 -25.32
CA PRO C 203 7.58 -5.63 -25.31
C PRO C 203 8.37 -6.91 -25.61
N VAL C 204 7.93 -8.04 -25.05
CA VAL C 204 8.58 -9.32 -25.34
C VAL C 204 8.14 -9.80 -26.75
N ASP C 205 8.84 -10.82 -27.28
CA ASP C 205 8.54 -11.41 -28.57
C ASP C 205 7.06 -11.91 -28.59
N ASP C 206 6.33 -11.60 -29.67
CA ASP C 206 4.91 -11.99 -29.79
C ASP C 206 4.68 -13.48 -29.75
N THR C 207 5.52 -14.29 -30.44
CA THR C 207 5.33 -15.73 -30.43
C THR C 207 5.54 -16.31 -29.04
N LEU C 208 6.62 -15.90 -28.34
CA LEU C 208 6.84 -16.42 -26.98
C LEU C 208 5.72 -15.92 -26.03
N ALA C 209 5.27 -14.66 -26.23
CA ALA C 209 4.17 -14.14 -25.40
C ALA C 209 2.90 -14.96 -25.62
N ALA C 210 2.57 -15.32 -26.89
CA ALA C 210 1.39 -16.14 -27.16
C ALA C 210 1.52 -17.51 -26.52
N GLU C 211 2.73 -18.10 -26.51
CA GLU C 211 2.92 -19.42 -25.87
C GLU C 211 2.73 -19.32 -24.37
N ALA C 212 3.24 -18.25 -23.75
CA ALA C 212 3.08 -18.06 -22.31
C ALA C 212 1.60 -17.79 -21.97
N HIS C 213 0.91 -17.03 -22.85
CA HIS C 213 -0.54 -16.76 -22.75
C HIS C 213 -1.31 -18.09 -22.71
N ASP C 214 -1.01 -19.00 -23.67
CA ASP C 214 -1.72 -20.27 -23.72
C ASP C 214 -1.38 -21.14 -22.53
N TYR C 215 -0.13 -21.11 -22.07
CA TYR C 215 0.29 -21.88 -20.89
C TYR C 215 -0.48 -21.41 -19.65
N LEU C 216 -0.49 -20.10 -19.41
CA LEU C 216 -1.12 -19.55 -18.20
C LEU C 216 -2.64 -19.64 -18.23
N LEU C 217 -3.24 -19.75 -19.42
CA LEU C 217 -4.70 -19.83 -19.52
C LEU C 217 -5.23 -21.26 -19.61
N LYS C 218 -4.38 -22.29 -19.39
CA LYS C 218 -4.87 -23.67 -19.37
C LYS C 218 -5.87 -23.82 -18.21
N PRO C 219 -7.03 -24.48 -18.47
CA PRO C 219 -8.04 -24.62 -17.41
C PRO C 219 -7.52 -25.17 -16.10
N SER C 220 -6.56 -26.11 -16.14
CA SER C 220 -6.04 -26.67 -14.89
C SER C 220 -5.35 -25.59 -14.05
N ILE C 221 -4.64 -24.67 -14.70
CA ILE C 221 -3.93 -23.60 -13.99
C ILE C 221 -4.91 -22.55 -13.51
N VAL C 222 -5.83 -22.16 -14.39
CA VAL C 222 -6.86 -21.18 -14.00
C VAL C 222 -7.69 -21.65 -12.80
N ASN C 223 -8.16 -22.91 -12.83
CA ASN C 223 -8.99 -23.43 -11.72
C ASN C 223 -8.17 -23.64 -10.46
N ALA C 224 -6.94 -24.16 -10.57
CA ALA C 224 -6.11 -24.35 -9.37
C ALA C 224 -5.77 -22.98 -8.74
N THR C 225 -5.54 -21.94 -9.58
CA THR C 225 -5.19 -20.63 -9.06
C THR C 225 -6.43 -20.02 -8.39
N PHE C 226 -7.60 -20.14 -9.03
CA PHE C 226 -8.85 -19.64 -8.44
C PHE C 226 -9.11 -20.32 -7.09
N ASP C 227 -8.88 -21.65 -7.01
CA ASP C 227 -9.10 -22.37 -5.75
C ASP C 227 -8.10 -21.93 -4.68
N TYR C 228 -6.86 -21.66 -5.08
CA TYR C 228 -5.84 -21.16 -4.14
C TYR C 228 -6.29 -19.79 -3.59
N TRP C 229 -6.67 -18.85 -4.49
CA TRP C 229 -7.11 -17.53 -4.03
C TRP C 229 -8.35 -17.67 -3.13
N SER C 230 -9.26 -18.64 -3.45
CA SER C 230 -10.45 -18.87 -2.62
C SER C 230 -10.03 -19.26 -1.19
N ARG C 231 -9.05 -20.17 -1.06
CA ARG C 231 -8.54 -20.55 0.28
C ARG C 231 -7.93 -19.35 0.99
N GLN C 232 -7.21 -18.46 0.27
CA GLN C 232 -6.62 -17.28 0.90
C GLN C 232 -7.68 -16.38 1.51
N THR C 233 -8.83 -16.19 0.80
CA THR C 233 -9.87 -15.29 1.36
C THR C 233 -10.41 -15.82 2.70
N GLN C 234 -10.42 -17.14 2.89
CA GLN C 234 -10.96 -17.75 4.10
C GLN C 234 -10.06 -17.66 5.35
N GLY C 235 -8.83 -17.19 5.19
CA GLY C 235 -7.90 -17.03 6.29
C GLY C 235 -7.04 -18.27 6.43
N ILE C 236 -5.74 -18.06 6.57
CA ILE C 236 -4.84 -19.20 6.76
C ILE C 236 -4.22 -19.03 8.15
N ALA C 237 -4.25 -20.07 8.97
CA ALA C 237 -3.67 -19.97 10.31
C ALA C 237 -2.14 -19.81 10.22
N PRO C 238 -1.56 -19.02 11.13
CA PRO C 238 -0.10 -18.96 11.19
C PRO C 238 0.50 -20.29 11.66
N LEU C 239 1.80 -20.48 11.46
CA LEU C 239 2.48 -21.67 11.94
C LEU C 239 2.45 -21.62 13.49
N THR C 240 2.19 -22.76 14.15
CA THR C 240 2.02 -22.78 15.59
C THR C 240 3.26 -22.43 16.37
N LYS C 241 3.03 -21.93 17.59
CA LYS C 241 4.12 -21.55 18.46
C LYS C 241 4.52 -22.72 19.31
N THR C 242 5.79 -22.78 19.67
CA THR C 242 6.27 -23.81 20.58
C THR C 242 6.62 -23.16 21.91
N ASP D 11 -29.42 10.03 15.77
CA ASP D 11 -29.12 9.60 14.41
C ASP D 11 -27.96 10.41 13.82
N THR D 12 -27.89 11.72 14.12
CA THR D 12 -26.79 12.54 13.63
C THR D 12 -25.46 12.04 14.21
N ARG D 13 -25.41 11.80 15.53
CA ARG D 13 -24.17 11.32 16.14
C ARG D 13 -23.73 9.96 15.60
N GLU D 14 -24.69 9.07 15.31
CA GLU D 14 -24.37 7.76 14.76
C GLU D 14 -23.83 7.90 13.36
N THR D 15 -24.44 8.77 12.55
CA THR D 15 -23.97 8.99 11.18
C THR D 15 -22.56 9.57 11.19
N MET D 16 -22.31 10.54 12.07
CA MET D 16 -20.95 11.12 12.19
C MET D 16 -19.92 10.09 12.64
N ALA D 17 -20.30 9.17 13.55
CA ALA D 17 -19.38 8.12 14.02
C ALA D 17 -19.00 7.22 12.83
N PHE D 18 -19.99 6.79 12.02
CA PHE D 18 -19.69 6.00 10.84
C PHE D 18 -18.84 6.80 9.85
N ALA D 19 -19.14 8.08 9.61
CA ALA D 19 -18.33 8.90 8.69
C ALA D 19 -16.86 8.92 9.12
N CYS D 20 -16.63 9.07 10.44
CA CYS D 20 -15.27 9.03 10.96
C CYS D 20 -14.59 7.70 10.71
N ARG D 21 -15.29 6.59 11.01
CA ARG D 21 -14.69 5.27 10.78
C ARG D 21 -14.38 5.04 9.30
N ILE D 22 -15.25 5.56 8.41
CA ILE D 22 -15.06 5.40 6.97
C ILE D 22 -13.82 6.15 6.52
N LEU D 23 -13.67 7.39 6.97
CA LEU D 23 -12.50 8.22 6.65
C LEU D 23 -11.20 7.53 7.14
N ALA D 24 -11.22 6.94 8.34
CA ALA D 24 -10.04 6.25 8.84
C ALA D 24 -9.76 4.98 7.97
N MET D 25 -10.82 4.21 7.66
CA MET D 25 -10.68 2.97 6.90
C MET D 25 -10.14 3.23 5.47
N THR D 26 -10.66 4.28 4.84
CA THR D 26 -10.27 4.59 3.47
C THR D 26 -8.94 5.33 3.40
N GLU D 27 -8.15 5.32 4.52
CA GLU D 27 -6.78 5.76 4.69
C GLU D 27 -6.57 7.25 4.53
N GLN D 28 -7.21 8.06 5.42
CA GLN D 28 -7.05 9.51 5.38
C GLN D 28 -6.15 10.08 6.48
N GLU D 29 -5.74 9.26 7.47
CA GLU D 29 -5.02 9.63 8.71
C GLU D 29 -3.75 10.55 8.66
N ALA D 30 -3.61 11.50 9.62
CA ALA D 30 -2.42 12.41 9.73
C ALA D 30 -2.30 13.02 11.15
N GLY D 31 -2.15 12.17 12.15
CA GLY D 31 -2.14 12.63 13.53
C GLY D 31 -3.58 12.95 13.91
N LEU D 32 -3.79 14.04 14.63
CA LEU D 32 -5.11 14.47 15.06
C LEU D 32 -5.59 15.69 14.21
N ALA D 33 -5.15 15.77 12.95
CA ALA D 33 -5.48 16.89 12.08
C ALA D 33 -6.91 16.84 11.48
N GLY D 34 -7.62 15.73 11.65
CA GLY D 34 -8.95 15.62 11.07
C GLY D 34 -10.03 16.41 11.75
N GLN D 35 -10.97 16.95 10.97
CA GLN D 35 -12.09 17.69 11.50
C GLN D 35 -13.37 17.25 10.82
N ILE D 36 -14.45 17.22 11.58
CA ILE D 36 -15.75 16.90 11.02
C ILE D 36 -16.79 17.65 11.78
N SER D 37 -17.80 18.15 11.05
CA SER D 37 -18.90 18.84 11.72
C SER D 37 -20.19 18.63 10.94
N VAL D 38 -21.31 18.80 11.63
CA VAL D 38 -22.67 18.75 11.09
C VAL D 38 -23.39 19.95 11.67
N ARG D 39 -24.06 20.72 10.83
CA ARG D 39 -24.83 21.89 11.25
C ARG D 39 -25.92 21.44 12.23
N SER D 40 -26.03 22.10 13.38
CA SER D 40 -27.06 21.72 14.35
C SER D 40 -28.44 22.21 13.92
N GLU D 41 -29.51 21.55 14.38
CA GLU D 41 -30.86 22.11 14.17
C GLU D 41 -31.02 23.43 14.98
N ARG D 42 -30.16 23.66 15.97
CA ARG D 42 -30.15 24.87 16.78
C ARG D 42 -29.28 25.91 16.07
N PRO D 43 -29.82 27.10 15.75
CA PRO D 43 -29.02 28.11 15.05
C PRO D 43 -27.74 28.49 15.80
N GLY D 44 -26.67 28.75 15.05
CA GLY D 44 -25.38 29.15 15.58
C GLY D 44 -24.57 28.03 16.25
N ALA D 45 -25.03 26.78 16.13
CA ALA D 45 -24.37 25.65 16.75
C ALA D 45 -23.98 24.58 15.72
N TYR D 46 -23.02 23.73 16.07
CA TYR D 46 -22.63 22.63 15.19
C TYR D 46 -22.21 21.43 16.05
N TRP D 47 -22.36 20.22 15.49
CA TRP D 47 -21.95 18.99 16.13
C TRP D 47 -20.55 18.68 15.61
N THR D 48 -19.65 18.22 16.50
CA THR D 48 -18.28 17.93 16.07
C THR D 48 -17.62 16.88 16.97
N LEU D 49 -16.55 16.27 16.46
CA LEU D 49 -15.83 15.27 17.25
C LEU D 49 -15.03 15.98 18.37
N ARG D 50 -15.09 15.46 19.60
CA ARG D 50 -14.35 16.07 20.71
C ARG D 50 -12.81 16.01 20.54
N PHE D 51 -12.10 17.03 21.05
CA PHE D 51 -10.65 17.15 20.95
C PHE D 51 -9.88 15.91 21.47
N GLY D 52 -8.79 15.55 20.82
CA GLY D 52 -7.92 14.48 21.30
C GLY D 52 -8.20 13.11 20.77
N LEU D 53 -9.35 12.93 20.08
CA LEU D 53 -9.69 11.63 19.52
C LEU D 53 -9.48 11.60 18.02
N GLY D 54 -9.05 10.45 17.52
CA GLY D 54 -8.91 10.27 16.09
C GLY D 54 -10.20 9.77 15.48
N PHE D 55 -10.34 9.90 14.16
CA PHE D 55 -11.54 9.45 13.46
C PHE D 55 -11.77 7.95 13.67
N ASP D 56 -10.69 7.16 13.75
CA ASP D 56 -10.82 5.73 13.94
C ASP D 56 -11.36 5.29 15.28
N GLU D 57 -11.37 6.16 16.30
CA GLU D 57 -11.94 5.74 17.59
C GLU D 57 -13.28 6.43 17.90
N ALA D 58 -13.80 7.26 16.99
CA ALA D 58 -15.03 7.98 17.26
C ALA D 58 -16.24 7.08 17.50
N THR D 59 -16.98 7.37 18.57
CA THR D 59 -18.26 6.66 18.86
C THR D 59 -19.34 7.77 18.92
N PRO D 60 -20.63 7.41 18.87
CA PRO D 60 -21.69 8.45 18.91
C PRO D 60 -21.56 9.42 20.09
N GLU D 61 -21.18 8.92 21.26
CA GLU D 61 -21.04 9.73 22.48
C GLU D 61 -19.87 10.72 22.45
N ASP D 62 -18.98 10.61 21.44
CA ASP D 62 -17.86 11.51 21.30
C ASP D 62 -18.19 12.77 20.48
N PHE D 63 -19.42 12.87 19.94
CA PHE D 63 -19.86 14.03 19.16
C PHE D 63 -20.63 14.96 20.07
N ILE D 64 -20.16 16.18 20.18
CA ILE D 64 -20.77 17.19 21.02
C ILE D 64 -21.29 18.35 20.20
N GLU D 65 -22.25 19.09 20.77
CA GLU D 65 -22.82 20.24 20.10
C GLU D 65 -22.20 21.47 20.72
N VAL D 66 -21.66 22.38 19.92
CA VAL D 66 -20.97 23.54 20.43
C VAL D 66 -21.45 24.84 19.79
N ASP D 67 -21.27 25.99 20.48
CA ASP D 67 -21.69 27.27 19.92
C ASP D 67 -20.53 28.04 19.27
N ARG D 68 -20.73 29.30 18.86
CA ARG D 68 -19.66 30.11 18.25
C ARG D 68 -18.49 30.40 19.18
N ASP D 69 -18.73 30.36 20.49
CA ASP D 69 -17.65 30.59 21.47
C ASP D 69 -17.00 29.27 21.95
N LEU D 70 -17.32 28.15 21.31
CA LEU D 70 -16.78 26.82 21.67
C LEU D 70 -17.29 26.33 23.03
N ASN D 71 -18.47 26.82 23.47
CA ASN D 71 -19.08 26.31 24.69
C ASN D 71 -19.78 25.03 24.31
N THR D 72 -19.66 23.99 25.14
CA THR D 72 -20.38 22.74 24.89
C THR D 72 -21.84 22.90 25.30
N LEU D 73 -22.74 22.84 24.34
CA LEU D 73 -24.17 22.94 24.58
C LEU D 73 -24.77 21.57 24.91
N SER D 74 -24.27 20.51 24.25
CA SER D 74 -24.80 19.18 24.48
C SER D 74 -23.69 18.15 24.38
N GLY D 75 -23.74 17.14 25.24
CA GLY D 75 -22.73 16.09 25.29
C GLY D 75 -21.61 16.36 26.28
N GLU D 76 -20.68 15.42 26.40
CA GLU D 76 -19.57 15.56 27.34
C GLU D 76 -18.27 15.76 26.56
N GLY D 77 -17.56 16.83 26.86
CA GLY D 77 -16.28 17.09 26.20
C GLY D 77 -16.09 18.48 25.69
N MET D 78 -14.89 18.75 25.21
CA MET D 78 -14.53 20.05 24.67
C MET D 78 -14.30 19.96 23.18
N ALA D 79 -14.67 20.99 22.44
CA ALA D 79 -14.51 21.00 20.98
C ALA D 79 -13.06 21.21 20.60
N ASN D 80 -12.69 20.78 19.39
CA ASN D 80 -11.36 21.02 18.86
C ASN D 80 -11.48 22.47 18.37
N PRO D 81 -10.73 23.40 18.99
CA PRO D 81 -10.87 24.80 18.62
C PRO D 81 -10.58 25.09 17.15
N ALA D 82 -9.85 24.21 16.47
CA ALA D 82 -9.56 24.39 15.05
C ALA D 82 -10.80 24.21 14.16
N THR D 83 -11.93 23.73 14.69
CA THR D 83 -13.17 23.62 13.92
C THR D 83 -14.01 24.89 13.97
N ARG D 84 -13.62 25.90 14.78
CA ARG D 84 -14.42 27.13 14.89
C ARG D 84 -14.76 27.76 13.50
N PHE D 85 -13.81 27.80 12.56
CA PHE D 85 -14.07 28.44 11.25
C PHE D 85 -15.22 27.80 10.46
N HIS D 86 -15.60 26.57 10.82
CA HIS D 86 -16.70 25.86 10.15
C HIS D 86 -17.99 26.69 10.21
N LEU D 87 -18.14 27.53 11.26
CA LEU D 87 -19.31 28.40 11.36
C LEU D 87 -19.38 29.38 10.20
N TRP D 88 -18.24 29.89 9.76
CA TRP D 88 -18.18 30.84 8.63
C TRP D 88 -18.65 30.18 7.33
N VAL D 89 -18.29 28.89 7.13
CA VAL D 89 -18.72 28.15 5.94
C VAL D 89 -20.23 27.89 6.03
N TYR D 90 -20.74 27.46 7.19
CA TYR D 90 -22.20 27.25 7.35
C TYR D 90 -22.97 28.56 7.14
N GLU D 91 -22.42 29.69 7.61
CA GLU D 91 -23.09 30.99 7.44
C GLU D 91 -23.12 31.39 5.96
N ALA D 92 -22.02 31.16 5.24
CA ALA D 92 -21.93 31.48 3.81
C ALA D 92 -22.71 30.52 2.90
N ARG D 93 -22.93 29.29 3.35
CA ARG D 93 -23.57 28.25 2.55
C ARG D 93 -24.74 27.59 3.25
N PRO D 94 -25.94 28.20 3.16
CA PRO D 94 -27.13 27.59 3.79
C PRO D 94 -27.44 26.18 3.32
N ASP D 95 -26.98 25.81 2.11
CA ASP D 95 -27.18 24.48 1.54
C ASP D 95 -26.24 23.41 2.18
N VAL D 96 -25.16 23.85 2.84
CA VAL D 96 -24.18 22.91 3.43
C VAL D 96 -24.59 22.53 4.85
N ASN D 97 -24.63 21.23 5.15
CA ASN D 97 -24.94 20.74 6.48
C ASN D 97 -23.84 19.91 7.11
N SER D 98 -22.78 19.57 6.36
CA SER D 98 -21.67 18.80 6.95
C SER D 98 -20.36 19.17 6.25
N ILE D 99 -19.31 19.30 7.04
CA ILE D 99 -17.99 19.70 6.53
C ILE D 99 -16.94 18.73 7.06
N ILE D 100 -16.00 18.34 6.19
CA ILE D 100 -14.90 17.46 6.58
C ILE D 100 -13.62 18.11 6.12
N HIS D 101 -12.60 18.11 6.97
CA HIS D 101 -11.29 18.60 6.57
C HIS D 101 -10.26 17.57 7.09
N THR D 102 -9.36 17.08 6.21
CA THR D 102 -8.27 16.19 6.62
C THR D 102 -7.04 16.53 5.73
N HIS D 103 -5.88 15.94 6.07
CA HIS D 103 -4.65 16.05 5.28
C HIS D 103 -4.41 14.62 4.75
N SER D 104 -5.38 14.10 4.00
CA SER D 104 -5.27 12.71 3.51
C SER D 104 -4.06 12.55 2.57
N PRO D 105 -3.48 11.34 2.51
CA PRO D 105 -2.20 11.19 1.78
C PRO D 105 -2.13 11.67 0.35
N TRP D 106 -3.09 11.28 -0.50
CA TRP D 106 -3.01 11.62 -1.92
C TRP D 106 -3.54 12.98 -2.26
N ALA D 107 -4.67 13.39 -1.66
CA ALA D 107 -5.19 14.77 -1.89
C ALA D 107 -4.13 15.79 -1.43
N THR D 108 -3.36 15.45 -0.36
CA THR D 108 -2.34 16.37 0.12
C THR D 108 -1.17 16.44 -0.84
N VAL D 109 -0.93 15.39 -1.70
CA VAL D 109 0.14 15.51 -2.71
C VAL D 109 -0.28 16.61 -3.69
N LEU D 110 -1.57 16.63 -4.14
CA LEU D 110 -2.01 17.68 -5.05
C LEU D 110 -1.87 19.06 -4.38
N ALA D 111 -2.28 19.14 -3.10
CA ALA D 111 -2.21 20.41 -2.37
C ALA D 111 -0.77 20.91 -2.25
N THR D 112 0.15 20.00 -1.97
CA THR D 112 1.57 20.32 -1.75
C THR D 112 2.21 20.76 -3.04
N ALA D 113 1.87 20.09 -4.15
CA ALA D 113 2.42 20.43 -5.46
C ALA D 113 1.67 21.57 -6.12
N ARG D 114 0.61 22.13 -5.49
CA ARG D 114 -0.18 23.24 -6.05
C ARG D 114 -0.80 22.79 -7.37
N GLN D 115 -1.32 21.55 -7.39
CA GLN D 115 -1.90 21.02 -8.63
C GLN D 115 -3.38 20.77 -8.50
N PRO D 116 -4.18 21.49 -9.30
CA PRO D 116 -5.62 21.24 -9.28
C PRO D 116 -5.97 19.89 -9.90
N LEU D 117 -7.14 19.36 -9.54
CA LEU D 117 -7.61 18.09 -10.09
C LEU D 117 -7.88 18.27 -11.57
N VAL D 118 -7.59 17.25 -12.39
CA VAL D 118 -7.89 17.26 -13.83
C VAL D 118 -8.86 16.09 -14.00
N ILE D 119 -10.08 16.37 -14.42
CA ILE D 119 -11.12 15.36 -14.50
C ILE D 119 -10.90 14.51 -15.71
N SER D 120 -10.41 13.30 -15.52
CA SER D 120 -10.04 12.40 -16.60
C SER D 120 -10.57 10.99 -16.42
N GLN D 121 -11.50 10.75 -15.47
CA GLN D 121 -12.03 9.40 -15.26
C GLN D 121 -13.39 9.51 -14.55
N MET D 122 -14.27 8.55 -14.83
CA MET D 122 -15.64 8.48 -14.29
C MET D 122 -15.77 8.88 -12.80
N ASP D 123 -14.99 8.25 -11.90
CA ASP D 123 -15.11 8.52 -10.48
C ASP D 123 -14.56 9.88 -10.05
N MET D 124 -13.86 10.60 -10.94
CA MET D 124 -13.38 11.94 -10.61
C MET D 124 -14.51 12.99 -10.84
N THR D 125 -15.54 12.63 -11.64
CA THR D 125 -16.60 13.54 -12.05
C THR D 125 -17.44 14.13 -10.92
N PRO D 126 -17.63 13.52 -9.72
CA PRO D 126 -18.34 14.27 -8.65
C PRO D 126 -17.63 15.58 -8.29
N LEU D 127 -16.32 15.74 -8.64
CA LEU D 127 -15.60 16.99 -8.39
C LEU D 127 -15.54 17.89 -9.63
N HIS D 128 -16.08 17.47 -10.79
CA HIS D 128 -16.03 18.29 -12.01
C HIS D 128 -16.81 19.58 -11.79
N ASN D 129 -16.15 20.74 -12.05
CA ASN D 129 -16.70 22.08 -11.80
C ASN D 129 -17.22 22.18 -10.34
N ASP D 130 -16.60 21.39 -9.43
CA ASP D 130 -17.06 21.33 -8.06
C ASP D 130 -15.92 21.27 -7.07
N CYS D 131 -14.71 21.69 -7.48
CA CYS D 131 -13.57 21.67 -6.59
C CYS D 131 -12.79 22.94 -6.78
N ALA D 132 -12.85 23.83 -5.76
CA ALA D 132 -12.12 25.07 -5.78
C ALA D 132 -10.62 24.78 -5.43
N PHE D 133 -9.74 25.79 -5.60
CA PHE D 133 -8.32 25.61 -5.24
C PHE D 133 -7.86 26.87 -4.57
N LEU D 134 -7.47 26.81 -3.29
CA LEU D 134 -6.97 27.98 -2.57
C LEU D 134 -5.45 27.96 -2.75
N GLY D 135 -4.92 28.94 -3.47
CA GLY D 135 -3.48 28.98 -3.76
C GLY D 135 -2.63 29.51 -2.62
N GLU D 136 -3.22 30.31 -1.74
CA GLU D 136 -2.47 30.89 -0.63
C GLU D 136 -2.51 30.02 0.61
N TRP D 137 -1.37 29.87 1.28
CA TRP D 137 -1.30 29.16 2.54
C TRP D 137 -1.09 30.21 3.60
N PRO D 138 -2.09 30.43 4.47
CA PRO D 138 -1.96 31.48 5.48
C PRO D 138 -1.24 31.09 6.76
N GLY D 139 -0.63 29.91 6.83
CA GLY D 139 0.08 29.48 8.03
C GLY D 139 -0.87 28.84 9.04
N VAL D 140 -0.91 29.35 10.29
CA VAL D 140 -1.85 28.86 11.34
C VAL D 140 -2.80 30.02 11.69
N PRO D 141 -3.79 30.36 10.84
CA PRO D 141 -4.63 31.53 11.14
C PRO D 141 -5.68 31.28 12.22
N ILE D 142 -6.22 32.38 12.78
CA ILE D 142 -7.31 32.23 13.74
C ILE D 142 -8.59 32.00 12.95
N ALA D 143 -9.65 31.51 13.63
CA ALA D 143 -10.94 31.22 13.01
C ALA D 143 -11.52 32.35 12.21
N ASP D 144 -11.38 33.57 12.70
CA ASP D 144 -11.94 34.75 12.03
C ASP D 144 -11.39 34.92 10.62
N GLN D 145 -10.08 34.75 10.47
CA GLN D 145 -9.40 34.89 9.18
C GLN D 145 -9.58 33.63 8.32
N GLU D 146 -9.39 32.43 8.92
CA GLU D 146 -9.52 31.19 8.16
C GLU D 146 -10.91 31.00 7.58
N GLY D 147 -11.93 31.33 8.35
CA GLY D 147 -13.31 31.17 7.87
C GLY D 147 -13.64 32.03 6.66
N VAL D 148 -13.20 33.31 6.69
CA VAL D 148 -13.46 34.21 5.57
C VAL D 148 -12.63 33.74 4.36
N ILE D 149 -11.38 33.38 4.57
CA ILE D 149 -10.50 32.94 3.47
C ILE D 149 -11.09 31.67 2.79
N ILE D 150 -11.45 30.68 3.61
CA ILE D 150 -11.94 29.41 3.05
C ILE D 150 -13.35 29.57 2.46
N SER D 151 -14.27 30.29 3.13
CA SER D 151 -15.61 30.47 2.57
C SER D 151 -15.56 31.21 1.23
N LYS D 152 -14.70 32.24 1.12
CA LYS D 152 -14.61 33.00 -0.12
C LYS D 152 -14.02 32.12 -1.24
N ALA D 153 -12.93 31.39 -0.95
CA ALA D 153 -12.31 30.57 -1.97
C ALA D 153 -13.22 29.39 -2.39
N LEU D 154 -13.97 28.81 -1.44
CA LEU D 154 -14.85 27.67 -1.74
C LEU D 154 -15.99 28.10 -2.69
N GLY D 155 -16.54 29.31 -2.49
CA GLY D 155 -17.64 29.78 -3.31
C GLY D 155 -18.84 28.85 -3.20
N ASP D 156 -19.40 28.44 -4.33
CA ASP D 156 -20.53 27.51 -4.32
C ASP D 156 -20.12 26.05 -4.52
N LYS D 157 -18.84 25.72 -4.42
CA LYS D 157 -18.33 24.35 -4.71
C LYS D 157 -18.54 23.35 -3.60
N ARG D 158 -18.46 22.05 -3.93
CA ARG D 158 -18.56 20.94 -2.97
C ARG D 158 -17.25 20.63 -2.26
N ALA D 159 -16.12 21.10 -2.82
CA ALA D 159 -14.81 20.75 -2.24
C ALA D 159 -13.81 21.82 -2.56
N ILE D 160 -12.70 21.84 -1.81
CA ILE D 160 -11.62 22.77 -2.08
C ILE D 160 -10.31 22.12 -1.72
N ILE D 161 -9.31 22.26 -2.58
CA ILE D 161 -7.97 21.81 -2.28
C ILE D 161 -7.25 23.02 -1.71
N LEU D 162 -6.66 22.87 -0.53
CA LEU D 162 -6.03 23.98 0.20
C LEU D 162 -4.53 23.84 0.01
N ALA D 163 -3.92 24.71 -0.81
CA ALA D 163 -2.49 24.59 -1.11
C ALA D 163 -1.60 24.48 0.13
N HIS D 164 -0.62 23.56 0.07
CA HIS D 164 0.34 23.34 1.17
C HIS D 164 -0.33 22.85 2.44
N HIS D 165 -1.54 22.26 2.35
CA HIS D 165 -2.26 21.91 3.58
C HIS D 165 -3.05 20.62 3.47
N GLY D 166 -4.11 20.60 2.67
CA GLY D 166 -5.01 19.46 2.60
C GLY D 166 -6.24 19.79 1.76
N TYR D 167 -7.40 19.34 2.20
CA TYR D 167 -8.64 19.60 1.43
C TYR D 167 -9.78 19.81 2.43
N LEU D 168 -10.93 20.27 1.92
CA LEU D 168 -12.13 20.38 2.72
C LEU D 168 -13.28 20.00 1.77
N THR D 169 -14.28 19.28 2.29
CA THR D 169 -15.50 18.98 1.52
C THR D 169 -16.69 19.56 2.28
N ALA D 170 -17.72 19.96 1.54
CA ALA D 170 -18.89 20.61 2.10
C ALA D 170 -20.10 19.98 1.45
N GLY D 171 -20.83 19.18 2.21
CA GLY D 171 -21.96 18.46 1.65
C GLY D 171 -23.31 18.87 2.19
N LYS D 172 -24.38 18.51 1.47
CA LYS D 172 -25.75 18.79 1.95
C LYS D 172 -26.11 17.86 3.12
N SER D 173 -25.37 16.74 3.28
CA SER D 173 -25.53 15.83 4.40
C SER D 173 -24.11 15.32 4.81
N CYS D 174 -24.04 14.66 5.96
CA CYS D 174 -22.79 14.03 6.38
C CYS D 174 -22.40 12.92 5.38
N GLN D 175 -23.40 12.19 4.85
CA GLN D 175 -23.15 11.15 3.84
C GLN D 175 -22.50 11.76 2.61
N GLU D 176 -22.99 12.92 2.15
CA GLU D 176 -22.43 13.54 0.95
C GLU D 176 -21.03 14.07 1.22
N ALA D 177 -20.80 14.73 2.38
CA ALA D 177 -19.43 15.23 2.69
C ALA D 177 -18.44 14.02 2.73
N THR D 178 -18.88 12.88 3.27
CA THR D 178 -18.02 11.70 3.35
C THR D 178 -17.72 11.12 1.98
N TYR D 179 -18.76 10.96 1.14
CA TYR D 179 -18.64 10.46 -0.21
C TYR D 179 -17.68 11.38 -1.01
N LEU D 180 -17.83 12.70 -0.90
CA LEU D 180 -16.93 13.62 -1.61
C LEU D 180 -15.49 13.45 -1.11
N SER D 181 -15.30 13.27 0.19
CA SER D 181 -13.95 13.11 0.76
CA SER D 181 -13.96 13.11 0.76
C SER D 181 -13.27 11.86 0.19
N VAL D 182 -14.00 10.72 0.18
CA VAL D 182 -13.43 9.48 -0.32
C VAL D 182 -13.17 9.55 -1.82
N TYR D 183 -14.13 10.10 -2.59
CA TYR D 183 -13.94 10.23 -4.03
C TYR D 183 -12.82 11.20 -4.37
N LEU D 184 -12.68 12.30 -3.61
CA LEU D 184 -11.58 13.25 -3.88
C LEU D 184 -10.22 12.59 -3.62
N GLU D 185 -10.09 11.87 -2.50
CA GLU D 185 -8.84 11.19 -2.16
C GLU D 185 -8.46 10.16 -3.22
N ARG D 186 -9.43 9.37 -3.68
CA ARG D 186 -9.15 8.36 -4.72
C ARG D 186 -8.87 9.00 -6.06
N ALA D 187 -9.53 10.12 -6.37
CA ALA D 187 -9.29 10.87 -7.63
C ALA D 187 -7.87 11.43 -7.61
N ALA D 188 -7.44 11.98 -6.44
CA ALA D 188 -6.08 12.51 -6.31
C ALA D 188 -5.05 11.36 -6.49
N ARG D 189 -5.32 10.19 -5.89
CA ARG D 189 -4.40 9.02 -6.02
C ARG D 189 -4.27 8.61 -7.47
N LEU D 190 -5.41 8.54 -8.19
CA LEU D 190 -5.41 8.15 -9.59
C LEU D 190 -4.60 9.16 -10.42
N GLN D 191 -4.83 10.46 -10.20
CA GLN D 191 -4.13 11.49 -10.95
C GLN D 191 -2.63 11.50 -10.68
N VAL D 192 -2.21 11.39 -9.42
CA VAL D 192 -0.80 11.41 -9.07
C VAL D 192 -0.09 10.18 -9.69
N ARG D 193 -0.70 8.98 -9.55
CA ARG D 193 -0.11 7.76 -10.10
C ARG D 193 -0.03 7.86 -11.62
N ALA D 194 -1.07 8.38 -12.27
CA ALA D 194 -1.07 8.50 -13.73
C ALA D 194 -0.07 9.53 -14.23
N GLN D 195 0.05 10.70 -13.57
CA GLN D 195 1.02 11.71 -14.02
C GLN D 195 2.43 11.27 -13.78
N ALA D 196 2.70 10.54 -12.69
CA ALA D 196 4.07 10.05 -12.43
C ALA D 196 4.55 9.13 -13.57
N ALA D 197 3.63 8.30 -14.08
CA ALA D 197 4.01 7.35 -15.14
C ALA D 197 3.93 7.94 -16.53
N PHE D 198 2.92 8.80 -16.79
CA PHE D 198 2.62 9.22 -18.16
C PHE D 198 2.55 10.72 -18.44
N GLY D 199 2.75 11.57 -17.43
CA GLY D 199 2.67 13.01 -17.62
C GLY D 199 1.26 13.55 -17.51
N PRO D 200 1.06 14.85 -17.84
CA PRO D 200 -0.27 15.46 -17.74
C PRO D 200 -1.37 14.68 -18.48
N LEU D 201 -2.55 14.65 -17.89
CA LEU D 201 -3.67 13.89 -18.42
C LEU D 201 -4.54 14.70 -19.36
N THR D 202 -5.24 14.01 -20.25
CA THR D 202 -6.23 14.60 -21.13
C THR D 202 -7.55 14.64 -20.34
N PRO D 203 -8.16 15.81 -20.16
CA PRO D 203 -9.45 15.85 -19.46
C PRO D 203 -10.58 15.31 -20.33
N VAL D 204 -11.63 14.76 -19.69
CA VAL D 204 -12.79 14.30 -20.45
C VAL D 204 -13.64 15.50 -20.90
N ASP D 205 -14.56 15.26 -21.85
CA ASP D 205 -15.48 16.28 -22.33
C ASP D 205 -16.31 16.86 -21.15
N ASP D 206 -16.43 18.18 -21.08
CA ASP D 206 -17.14 18.85 -19.98
C ASP D 206 -18.61 18.47 -19.88
N THR D 207 -19.32 18.36 -21.01
CA THR D 207 -20.73 18.00 -21.01
C THR D 207 -20.94 16.60 -20.46
N LEU D 208 -20.14 15.62 -20.95
CA LEU D 208 -20.26 14.26 -20.45
C LEU D 208 -19.83 14.20 -18.97
N ALA D 209 -18.80 14.96 -18.58
CA ALA D 209 -18.35 14.97 -17.18
C ALA D 209 -19.46 15.51 -16.27
N ALA D 210 -20.18 16.56 -16.71
CA ALA D 210 -21.28 17.10 -15.89
C ALA D 210 -22.43 16.08 -15.74
N GLU D 211 -22.69 15.28 -16.79
CA GLU D 211 -23.75 14.26 -16.71
C GLU D 211 -23.33 13.16 -15.73
N ALA D 212 -22.06 12.75 -15.79
CA ALA D 212 -21.54 11.71 -14.89
C ALA D 212 -21.52 12.24 -13.44
N HIS D 213 -21.16 13.51 -13.26
CA HIS D 213 -21.17 14.23 -11.95
C HIS D 213 -22.58 14.12 -11.34
N ASP D 214 -23.61 14.46 -12.13
CA ASP D 214 -24.98 14.40 -11.62
C ASP D 214 -25.40 12.99 -11.31
N TYR D 215 -25.02 12.03 -12.14
CA TYR D 215 -25.36 10.62 -11.95
C TYR D 215 -24.75 10.09 -10.63
N LEU D 216 -23.46 10.36 -10.41
CA LEU D 216 -22.78 9.84 -9.22
C LEU D 216 -23.19 10.55 -7.92
N LEU D 217 -23.71 11.76 -8.04
CA LEU D 217 -24.13 12.52 -6.85
C LEU D 217 -25.61 12.36 -6.51
N LYS D 218 -26.34 11.46 -7.19
CA LYS D 218 -27.73 11.20 -6.84
C LYS D 218 -27.81 10.67 -5.42
N PRO D 219 -28.77 11.16 -4.62
CA PRO D 219 -28.88 10.68 -3.23
C PRO D 219 -28.90 9.17 -3.05
N SER D 220 -29.58 8.43 -3.95
CA SER D 220 -29.62 6.98 -3.79
C SER D 220 -28.25 6.35 -3.85
N ILE D 221 -27.38 6.77 -4.79
CA ILE D 221 -26.03 6.14 -4.85
C ILE D 221 -25.14 6.69 -3.72
N VAL D 222 -25.27 7.99 -3.39
CA VAL D 222 -24.45 8.50 -2.24
C VAL D 222 -24.78 7.75 -0.95
N ASN D 223 -26.08 7.61 -0.62
CA ASN D 223 -26.48 6.94 0.63
C ASN D 223 -26.21 5.45 0.60
N ALA D 224 -26.43 4.78 -0.55
CA ALA D 224 -26.11 3.33 -0.62
C ALA D 224 -24.60 3.11 -0.43
N THR D 225 -23.79 4.00 -1.02
CA THR D 225 -22.33 3.85 -0.93
C THR D 225 -21.88 4.13 0.49
N PHE D 226 -22.43 5.19 1.13
CA PHE D 226 -22.10 5.48 2.53
C PHE D 226 -22.47 4.30 3.43
N ASP D 227 -23.66 3.68 3.20
CA ASP D 227 -24.07 2.54 4.01
C ASP D 227 -23.18 1.33 3.77
N TYR D 228 -22.73 1.14 2.53
CA TYR D 228 -21.81 0.01 2.21
C TYR D 228 -20.50 0.23 2.98
N TRP D 229 -19.90 1.44 2.88
CA TRP D 229 -18.64 1.70 3.58
C TRP D 229 -18.84 1.54 5.10
N SER D 230 -20.02 1.93 5.63
CA SER D 230 -20.34 1.78 7.05
C SER D 230 -20.25 0.29 7.46
N ARG D 231 -20.87 -0.58 6.65
CA ARG D 231 -20.81 -2.03 6.92
C ARG D 231 -19.37 -2.55 6.87
N GLN D 232 -18.56 -2.04 5.93
CA GLN D 232 -17.16 -2.49 5.82
C GLN D 232 -16.39 -2.18 7.11
N THR D 233 -16.62 -1.00 7.72
CA THR D 233 -15.86 -0.63 8.94
C THR D 233 -16.16 -1.62 10.09
N GLN D 234 -17.33 -2.25 10.08
CA GLN D 234 -17.74 -3.17 11.15
C GLN D 234 -17.12 -4.59 11.05
N GLY D 235 -16.47 -4.90 9.94
CA GLY D 235 -15.88 -6.21 9.76
C GLY D 235 -16.82 -7.14 9.02
N ILE D 236 -16.26 -7.88 8.07
CA ILE D 236 -17.03 -8.85 7.30
C ILE D 236 -16.39 -10.21 7.51
N ALA D 237 -17.20 -11.20 7.88
CA ALA D 237 -16.67 -12.55 8.09
C ALA D 237 -16.28 -13.17 6.77
N PRO D 238 -15.18 -13.95 6.73
CA PRO D 238 -14.85 -14.66 5.49
C PRO D 238 -15.90 -15.72 5.15
N LEU D 239 -15.92 -16.20 3.90
CA LEU D 239 -16.82 -17.27 3.50
C LEU D 239 -16.35 -18.55 4.19
N THR D 240 -17.28 -19.40 4.61
CA THR D 240 -16.91 -20.64 5.30
C THR D 240 -16.36 -21.71 4.35
NI NI E . 21.27 2.15 10.29
NI NI F . 8.75 -17.83 -12.80
NI NI G . -18.01 1.41 -14.43
NI NI H . -5.55 21.19 8.57
#